data_4UF0
#
_entry.id   4UF0
#
_cell.length_a   90.494
_cell.length_b   110.458
_cell.length_c   119.230
_cell.angle_alpha   90.00
_cell.angle_beta   90.00
_cell.angle_gamma   90.00
#
_symmetry.space_group_name_H-M   'P 21 21 21'
#
loop_
_entity.id
_entity.type
_entity.pdbx_description
1 polymer 'HISTONE DEMETHYLASE UTY'
2 polymer 'HISTONE DEMETHYLASE UTY'
3 non-polymer 'FE (II) ION'
4 non-polymer '2-{[(2-{[(E)-2-(dimethylamino)ethenyl](ethyl)amino}-2-oxoethyl)amino]methyl}pyridine-4-carboxylic acid'
5 non-polymer 'ZINC ION'
6 non-polymer 1,2-ETHANEDIOL
7 water water
#
loop_
_entity_poly.entity_id
_entity_poly.type
_entity_poly.pdbx_seq_one_letter_code
_entity_poly.pdbx_strand_id
1 'polypeptide(L)'
;MLPKDKLNPPTPSIYLENKRDAFFPPLHQFCTNPKNPVTVIRGLAGALKLDLGLFSTKTLVEANNEHMVEVRTQLLQPAD
ENWDPTGTKKIWRCESNRSHTTIAKYAQYQASSFQESLREENEKRTQHKDHSDNESTSSENSGRRRKGPFKTIKFGTNID
LSDNKKWKLQLHELTKLPAFARVVSAGNLLTHVGHTILGMNTVQLYMKVPGSRTPGHQENNNFCSVNINIGPGDCEWFVV
PEDYWGVLNDFCEKNNLNFLMSSWWPNLEDLYEANVPVYRFIQRPGDLVWINAGTVHWVQAVGWCNNIAWNVGPLTACQY
KLAVERYEWNKLKSVKSPVPMVHLSWNMARNIKVSDPKLFEMIKYCLLKILKQYQTLREALVAAGKEVIWHGRTNEEPAH
YCSICEVEVFNLLFVTNESNTQKTYIVHCHDCARKTSKSLENFVVLEQYKMEDLIQVYDQFTLALSLSSSSAENLYFQ
;
A
2 'polypeptide(L)'
;MLPKDKLNPPTPSIYLENKRDAFFPPLHQFCTNPKNPVTVIRGLAGALKLDLGLFSTKTLVEANNEHMVEVRTQLLQPAD
ENWDPTGTKKIWRCESNRSHTTIAKYAQYQASSFQESLREENEKRTQHKDHSDNESTSSENSGRRRKGPFKTIKFGTNID
LSDNKKWKLQLHELTKLPAFARVVSAGNLLTHVGHTILGMNTVQLYMKVPGSRTPGHQENNNFCSVNINIGPGDCEWFVV
PEDYWGVLNDFCEKNNLNFLMSSWWPNLEDLYEANVPVYRFIQRPGDLVWINAGTVHWVQAVGWCNNIAWNVGPLTACQY
KLAVERYEWNKLKSVKSPVPMVHLSWNMARNIKVSDPKLFEMIKYCLLKILKQYQTLREALVAAGKEVIWHGRTNDEPAH
YCSICEVEVFNLLFVTNESNTQKTYIVHCHDCARKTSKSLENFVVLEQYKMEDLIEVYDQFTLALSLSSSSAENLYFQ
;
B
#
loop_
_chem_comp.id
_chem_comp.type
_chem_comp.name
_chem_comp.formula
EDO non-polymer 1,2-ETHANEDIOL 'C2 H6 O2'
FE2 non-polymer 'FE (II) ION' 'Fe 2'
MMK non-polymer '2-{[(2-{[(E)-2-(dimethylamino)ethenyl](ethyl)amino}-2-oxoethyl)amino]methyl}pyridine-4-carboxylic acid' 'C15 H22 N4 O3'
ZN non-polymer 'ZINC ION' 'Zn 2'
#
# COMPACT_ATOMS: atom_id res chain seq x y z
N LYS A 4 -16.02 -30.18 20.89
CA LYS A 4 -16.42 -28.77 21.24
C LYS A 4 -16.56 -27.88 19.98
N ASP A 5 -17.31 -26.79 20.07
CA ASP A 5 -17.48 -25.86 18.93
C ASP A 5 -16.23 -25.04 18.66
N LYS A 6 -15.29 -25.00 19.63
CA LYS A 6 -13.96 -24.40 19.42
C LYS A 6 -13.23 -25.22 18.32
N LEU A 7 -13.64 -26.45 18.10
CA LEU A 7 -13.01 -27.27 17.04
C LEU A 7 -13.66 -27.10 15.66
N ASN A 8 -14.75 -26.35 15.60
CA ASN A 8 -15.43 -26.01 14.35
C ASN A 8 -15.66 -24.51 14.31
N PRO A 9 -14.58 -23.74 14.24
CA PRO A 9 -14.69 -22.29 14.30
C PRO A 9 -15.35 -21.64 13.07
N PRO A 10 -15.94 -20.46 13.27
CA PRO A 10 -16.44 -19.69 12.12
C PRO A 10 -15.30 -19.27 11.15
N THR A 11 -15.64 -19.16 9.87
CA THR A 11 -14.71 -18.77 8.83
C THR A 11 -14.56 -17.25 8.83
N PRO A 12 -13.35 -16.73 8.99
CA PRO A 12 -13.19 -15.28 8.81
C PRO A 12 -13.65 -14.87 7.42
N SER A 13 -14.63 -13.99 7.37
CA SER A 13 -15.30 -13.62 6.12
C SER A 13 -15.42 -12.15 6.04
N ILE A 14 -15.29 -11.60 4.84
CA ILE A 14 -15.51 -10.18 4.61
C ILE A 14 -16.47 -10.19 3.47
N TYR A 15 -17.45 -9.33 3.58
CA TYR A 15 -18.50 -9.25 2.65
C TYR A 15 -18.33 -7.92 1.85
N LEU A 16 -17.95 -7.97 0.58
CA LEU A 16 -17.75 -6.74 -0.22
C LEU A 16 -18.92 -6.38 -1.12
N GLU A 17 -19.23 -5.07 -1.18
CA GLU A 17 -20.30 -4.59 -2.06
C GLU A 17 -19.81 -3.79 -3.24
N ASN A 18 -18.75 -3.03 -3.06
CA ASN A 18 -18.30 -2.12 -4.07
C ASN A 18 -16.82 -1.95 -4.01
N LYS A 19 -16.32 -1.13 -4.93
CA LYS A 19 -14.91 -0.86 -5.03
C LYS A 19 -14.37 -0.25 -3.78
N ARG A 20 -15.09 0.69 -3.16
CA ARG A 20 -14.62 1.18 -1.88
C ARG A 20 -14.25 0.07 -0.88
N ASP A 21 -15.13 -0.90 -0.69
CA ASP A 21 -14.89 -1.97 0.30
C ASP A 21 -13.65 -2.74 -0.12
N ALA A 22 -13.49 -2.92 -1.41
CA ALA A 22 -12.30 -3.66 -1.92
C ALA A 22 -10.95 -2.96 -1.64
N PHE A 23 -10.95 -1.63 -1.69
CA PHE A 23 -9.75 -0.82 -1.55
C PHE A 23 -9.58 -0.27 -0.12
N PHE A 24 -10.47 -0.63 0.77
CA PHE A 24 -10.39 -0.23 2.16
C PHE A 24 -9.15 -0.92 2.84
N PRO A 25 -8.24 -0.12 3.40
CA PRO A 25 -6.99 -0.68 4.01
C PRO A 25 -7.20 -1.74 5.09
N PRO A 26 -8.24 -1.61 5.92
CA PRO A 26 -8.44 -2.67 6.90
C PRO A 26 -8.68 -4.10 6.30
N LEU A 27 -9.06 -4.17 5.05
CA LEU A 27 -9.19 -5.46 4.40
C LEU A 27 -7.83 -6.19 4.28
N HIS A 28 -6.80 -5.49 3.80
CA HIS A 28 -5.50 -6.16 3.64
C HIS A 28 -4.87 -6.52 5.00
N GLN A 29 -5.14 -5.70 5.99
CA GLN A 29 -4.72 -5.95 7.36
C GLN A 29 -5.38 -7.17 7.93
N PHE A 30 -6.66 -7.34 7.65
CA PHE A 30 -7.39 -8.51 8.16
C PHE A 30 -6.82 -9.78 7.53
N CYS A 31 -6.63 -9.74 6.23
CA CYS A 31 -6.08 -10.95 5.50
C CYS A 31 -4.73 -11.38 6.02
N THR A 32 -3.84 -10.43 6.30
CA THR A 32 -2.46 -10.81 6.65
C THR A 32 -2.21 -10.98 8.17
N ASN A 33 -3.25 -10.77 8.98
CA ASN A 33 -3.18 -10.98 10.38
C ASN A 33 -3.10 -12.47 10.63
N PRO A 34 -2.01 -12.93 11.27
CA PRO A 34 -1.80 -14.34 11.60
C PRO A 34 -2.94 -14.97 12.36
N LYS A 35 -3.72 -14.15 13.06
CA LYS A 35 -4.88 -14.70 13.77
C LYS A 35 -5.93 -15.28 12.82
N ASN A 36 -5.90 -14.90 11.53
CA ASN A 36 -6.89 -15.36 10.54
C ASN A 36 -6.21 -16.35 9.60
N PRO A 37 -6.41 -17.64 9.85
CA PRO A 37 -5.73 -18.64 9.02
C PRO A 37 -6.16 -18.62 7.59
N VAL A 38 -7.38 -18.16 7.35
CA VAL A 38 -7.93 -18.03 6.02
C VAL A 38 -8.91 -16.91 6.08
N THR A 39 -9.07 -16.18 4.97
CA THR A 39 -10.08 -15.13 4.85
C THR A 39 -10.81 -15.37 3.55
N VAL A 40 -12.13 -15.42 3.65
CA VAL A 40 -12.99 -15.51 2.48
C VAL A 40 -13.58 -14.14 2.20
N ILE A 41 -13.20 -13.60 1.04
CA ILE A 41 -13.63 -12.27 0.61
C ILE A 41 -14.76 -12.50 -0.35
N ARG A 42 -15.96 -12.42 0.22
CA ARG A 42 -17.15 -12.73 -0.56
C ARG A 42 -17.56 -11.56 -1.41
N GLY A 43 -18.03 -11.89 -2.59
CA GLY A 43 -18.47 -10.91 -3.56
C GLY A 43 -17.39 -10.11 -4.20
N LEU A 44 -16.16 -10.59 -4.13
CA LEU A 44 -15.04 -9.79 -4.62
C LEU A 44 -15.15 -9.46 -6.12
N ALA A 45 -15.47 -10.44 -6.94
CA ALA A 45 -15.51 -10.16 -8.36
C ALA A 45 -16.57 -9.16 -8.72
N GLY A 46 -17.72 -9.39 -8.12
CA GLY A 46 -18.87 -8.45 -8.31
C GLY A 46 -18.53 -7.02 -7.90
N ALA A 47 -17.85 -6.87 -6.76
CA ALA A 47 -17.51 -5.55 -6.27
C ALA A 47 -16.59 -4.81 -7.18
N LEU A 48 -15.71 -5.55 -7.85
CA LEU A 48 -14.73 -4.92 -8.73
C LEU A 48 -15.15 -4.91 -10.17
N LYS A 49 -16.30 -5.54 -10.47
CA LYS A 49 -16.76 -5.76 -11.82
C LYS A 49 -15.70 -6.49 -12.59
N LEU A 50 -15.15 -7.53 -11.98
CA LEU A 50 -14.17 -8.37 -12.69
C LEU A 50 -14.93 -9.27 -13.66
N ASP A 51 -14.45 -9.36 -14.90
CA ASP A 51 -15.13 -10.24 -15.85
C ASP A 51 -14.63 -11.69 -15.72
N LEU A 52 -15.34 -12.51 -14.92
CA LEU A 52 -15.00 -13.91 -14.73
C LEU A 52 -15.17 -14.74 -16.01
N GLY A 53 -16.01 -14.24 -16.94
CA GLY A 53 -16.20 -14.82 -18.28
C GLY A 53 -14.91 -14.99 -19.06
N LEU A 54 -13.89 -14.19 -18.77
CA LEU A 54 -12.59 -14.34 -19.43
C LEU A 54 -11.90 -15.64 -19.07
N PHE A 55 -12.37 -16.30 -18.02
CA PHE A 55 -11.81 -17.57 -17.53
C PHE A 55 -12.79 -18.72 -17.68
N SER A 56 -13.89 -18.48 -18.40
CA SER A 56 -14.82 -19.56 -18.66
C SER A 56 -14.15 -20.58 -19.58
N THR A 57 -14.63 -21.81 -19.51
CA THR A 57 -14.15 -22.88 -20.37
C THR A 57 -14.32 -22.51 -21.85
N LYS A 58 -15.48 -21.96 -22.25
CA LYS A 58 -15.65 -21.53 -23.62
C LYS A 58 -14.55 -20.52 -24.04
N THR A 59 -14.28 -19.52 -23.20
CA THR A 59 -13.27 -18.53 -23.51
C THR A 59 -11.89 -19.17 -23.60
N LEU A 60 -11.61 -20.05 -22.66
CA LEU A 60 -10.25 -20.67 -22.65
C LEU A 60 -10.00 -21.55 -23.89
N VAL A 61 -11.04 -22.30 -24.29
CA VAL A 61 -10.96 -23.10 -25.51
C VAL A 61 -10.68 -22.21 -26.74
N GLU A 62 -11.42 -21.11 -26.87
CA GLU A 62 -11.22 -20.18 -28.00
C GLU A 62 -9.77 -19.63 -27.99
N ALA A 63 -9.25 -19.32 -26.79
CA ALA A 63 -7.95 -18.65 -26.67
C ALA A 63 -6.74 -19.54 -27.02
N ASN A 64 -6.72 -20.76 -26.46
CA ASN A 64 -5.55 -21.65 -26.52
C ASN A 64 -6.01 -23.09 -26.36
N ASN A 65 -6.69 -23.58 -27.37
CA ASN A 65 -7.30 -24.88 -27.30
C ASN A 65 -6.31 -26.04 -27.12
N GLU A 66 -5.07 -25.90 -27.58
CA GLU A 66 -4.06 -26.98 -27.38
C GLU A 66 -3.21 -26.83 -26.14
N HIS A 67 -3.57 -25.90 -25.22
CA HIS A 67 -2.75 -25.65 -24.06
C HIS A 67 -2.76 -26.87 -23.17
N MET A 68 -1.61 -27.19 -22.53
CA MET A 68 -1.49 -28.39 -21.65
C MET A 68 -2.30 -28.26 -20.38
N VAL A 69 -2.93 -29.36 -19.98
CA VAL A 69 -3.64 -29.53 -18.71
C VAL A 69 -3.09 -30.80 -18.04
N GLU A 70 -2.70 -30.71 -16.77
CA GLU A 70 -2.31 -31.90 -16.00
C GLU A 70 -3.61 -32.51 -15.47
N VAL A 71 -3.82 -33.80 -15.71
CA VAL A 71 -5.00 -34.50 -15.29
C VAL A 71 -4.70 -35.35 -14.10
N ARG A 72 -5.52 -35.19 -13.07
CA ARG A 72 -5.59 -36.14 -11.99
C ARG A 72 -6.83 -36.98 -12.14
N THR A 73 -6.62 -38.30 -12.23
CA THR A 73 -7.77 -39.20 -12.31
C THR A 73 -7.96 -39.71 -10.87
N GLN A 74 -9.18 -39.49 -10.33
CA GLN A 74 -9.47 -39.70 -8.92
C GLN A 74 -10.78 -40.42 -8.78
N LEU A 75 -11.01 -40.95 -7.57
CA LEU A 75 -12.33 -41.52 -7.19
C LEU A 75 -13.25 -40.43 -6.73
N LEU A 76 -14.53 -40.53 -7.10
CA LEU A 76 -15.56 -39.59 -6.61
C LEU A 76 -16.06 -40.06 -5.26
N GLN A 77 -15.60 -39.37 -4.24
CA GLN A 77 -15.80 -39.81 -2.86
C GLN A 77 -16.97 -39.02 -2.30
N PRO A 78 -17.63 -39.59 -1.30
CA PRO A 78 -18.82 -38.93 -0.77
C PRO A 78 -18.50 -37.82 0.22
N ALA A 79 -19.19 -36.71 0.06
CA ALA A 79 -19.16 -35.63 1.03
C ALA A 79 -17.72 -35.25 1.38
N ASP A 80 -17.40 -35.30 2.67
CA ASP A 80 -16.15 -34.80 3.16
C ASP A 80 -15.20 -35.93 3.53
N GLU A 81 -15.51 -37.13 3.02
CA GLU A 81 -14.87 -38.40 3.40
C GLU A 81 -13.92 -38.91 2.33
N ASN A 82 -13.01 -39.77 2.75
CA ASN A 82 -12.15 -40.52 1.85
C ASN A 82 -12.06 -42.01 2.28
N TRP A 83 -12.64 -42.90 1.48
CA TRP A 83 -12.69 -44.33 1.84
C TRP A 83 -11.68 -45.13 1.08
N ASP A 84 -11.12 -46.18 1.68
CA ASP A 84 -10.29 -47.10 0.87
C ASP A 84 -11.16 -47.61 -0.30
N PRO A 85 -10.54 -48.03 -1.42
CA PRO A 85 -11.42 -48.33 -2.59
C PRO A 85 -12.43 -49.48 -2.36
N THR A 86 -12.10 -50.38 -1.44
CA THR A 86 -13.01 -51.48 -1.08
C THR A 86 -14.23 -50.89 -0.36
N GLY A 87 -14.09 -49.69 0.21
CA GLY A 87 -15.23 -49.02 0.84
C GLY A 87 -15.53 -49.51 2.24
N THR A 88 -14.49 -50.02 2.91
CA THR A 88 -14.63 -50.56 4.25
C THR A 88 -14.04 -49.67 5.36
N LYS A 89 -13.03 -48.87 5.06
CA LYS A 89 -12.55 -47.93 6.08
C LYS A 89 -12.15 -46.59 5.49
N LYS A 90 -12.27 -45.57 6.31
CA LYS A 90 -11.82 -44.26 5.91
C LYS A 90 -10.33 -44.22 6.21
N ILE A 91 -9.57 -43.71 5.24
CA ILE A 91 -8.13 -43.70 5.27
C ILE A 91 -7.66 -42.34 4.72
N TRP A 92 -6.42 -41.97 5.04
CA TRP A 92 -5.93 -40.70 4.59
C TRP A 92 -5.42 -40.75 3.15
N ARG A 93 -4.78 -41.85 2.72
CA ARG A 93 -4.21 -41.88 1.36
C ARG A 93 -5.29 -41.75 0.33
N CYS A 94 -5.10 -40.87 -0.67
CA CYS A 94 -5.98 -40.90 -1.82
C CYS A 94 -5.28 -41.34 -3.08
N GLU A 95 -6.08 -42.02 -3.88
CA GLU A 95 -5.68 -42.60 -5.14
C GLU A 95 -5.78 -41.49 -6.19
N SER A 96 -4.70 -41.25 -6.93
CA SER A 96 -4.71 -40.31 -8.05
C SER A 96 -3.72 -40.76 -9.11
N ASN A 97 -4.18 -40.92 -10.33
CA ASN A 97 -3.28 -41.16 -11.47
C ASN A 97 -3.09 -39.87 -12.26
N ARG A 98 -1.88 -39.71 -12.82
CA ARG A 98 -1.53 -38.48 -13.54
C ARG A 98 -1.38 -38.75 -14.98
N SER A 99 -1.79 -37.79 -15.78
CA SER A 99 -1.68 -37.84 -17.23
C SER A 99 -1.77 -36.41 -17.69
N HIS A 100 -1.73 -36.21 -18.99
CA HIS A 100 -1.85 -34.86 -19.57
C HIS A 100 -2.94 -34.86 -20.62
N THR A 101 -3.55 -33.68 -20.86
CA THR A 101 -4.45 -33.50 -21.95
C THR A 101 -4.33 -32.06 -22.35
N THR A 102 -5.27 -31.58 -23.16
CA THR A 102 -5.31 -30.19 -23.59
C THR A 102 -6.61 -29.54 -23.08
N ILE A 103 -6.62 -28.23 -23.10
CA ILE A 103 -7.80 -27.46 -22.68
C ILE A 103 -9.01 -27.89 -23.52
N ALA A 104 -8.85 -28.01 -24.85
CA ALA A 104 -9.98 -28.49 -25.70
C ALA A 104 -10.53 -29.86 -25.24
N LYS A 105 -9.64 -30.85 -24.99
CA LYS A 105 -10.13 -32.15 -24.62
C LYS A 105 -10.74 -32.17 -23.21
N TYR A 106 -10.17 -31.41 -22.28
CA TYR A 106 -10.69 -31.44 -20.92
C TYR A 106 -12.07 -30.74 -20.94
N ALA A 107 -12.17 -29.67 -21.73
CA ALA A 107 -13.42 -28.97 -21.93
C ALA A 107 -14.53 -29.89 -22.41
N GLN A 108 -14.21 -30.78 -23.36
CA GLN A 108 -15.21 -31.68 -23.87
C GLN A 108 -15.71 -32.60 -22.70
N TYR A 109 -14.77 -33.05 -21.88
CA TYR A 109 -15.10 -33.89 -20.75
C TYR A 109 -15.93 -33.15 -19.71
N GLN A 110 -15.52 -31.92 -19.43
CA GLN A 110 -16.22 -31.10 -18.39
C GLN A 110 -17.65 -30.92 -18.84
N ALA A 111 -17.85 -30.62 -20.11
CA ALA A 111 -19.23 -30.45 -20.59
C ALA A 111 -20.01 -31.73 -20.63
N SER A 112 -19.40 -32.82 -21.04
CA SER A 112 -20.19 -34.02 -21.27
C SER A 112 -20.49 -34.61 -19.90
N SER A 113 -19.60 -34.35 -18.95
CA SER A 113 -19.82 -34.77 -17.58
C SER A 113 -21.16 -34.14 -17.05
N PHE A 114 -21.29 -32.87 -17.32
CA PHE A 114 -22.51 -32.14 -16.88
C PHE A 114 -23.76 -32.72 -17.58
N GLN A 115 -23.66 -32.90 -18.89
CA GLN A 115 -24.79 -33.42 -19.65
C GLN A 115 -25.17 -34.80 -19.12
N GLU A 116 -24.18 -35.63 -18.85
CA GLU A 116 -24.44 -36.93 -18.31
C GLU A 116 -25.14 -36.88 -16.94
N SER A 117 -24.75 -35.95 -16.06
CA SER A 117 -25.42 -35.83 -14.75
C SER A 117 -26.87 -35.43 -14.99
N LEU A 118 -27.15 -34.60 -16.00
CA LEU A 118 -28.57 -34.22 -16.27
C LEU A 118 -29.40 -35.42 -16.62
N ARG A 119 -28.85 -36.23 -17.52
CA ARG A 119 -29.52 -37.46 -17.91
C ARG A 119 -29.75 -38.41 -16.77
N GLU A 120 -28.78 -38.57 -15.91
CA GLU A 120 -28.87 -39.44 -14.79
C GLU A 120 -29.92 -38.94 -13.78
N GLU A 121 -29.96 -37.64 -13.53
CA GLU A 121 -31.00 -37.01 -12.66
C GLU A 121 -32.42 -37.25 -13.20
N ASN A 122 -32.51 -37.53 -14.50
CA ASN A 122 -33.76 -37.91 -15.17
C ASN A 122 -34.07 -39.45 -15.34
N GLU A 123 -33.21 -40.29 -14.82
CA GLU A 123 -33.45 -41.59 -14.19
C GLU A 123 -34.80 -42.16 -14.28
N LYS A 147 -18.93 -46.82 1.71
CA LYS A 147 -19.11 -48.08 0.96
C LYS A 147 -19.44 -47.77 -0.51
N GLY A 148 -18.49 -47.93 -1.40
CA GLY A 148 -18.70 -47.63 -2.84
C GLY A 148 -19.33 -48.80 -3.57
N PRO A 149 -18.78 -49.29 -4.68
CA PRO A 149 -17.52 -48.79 -5.27
C PRO A 149 -17.72 -47.42 -5.90
N PHE A 150 -16.64 -46.71 -6.11
CA PHE A 150 -16.76 -45.35 -6.57
C PHE A 150 -16.48 -45.23 -8.04
N LYS A 151 -17.12 -44.24 -8.65
CA LYS A 151 -16.82 -43.82 -10.01
C LYS A 151 -15.48 -43.06 -10.04
N THR A 152 -14.87 -43.05 -11.20
CA THR A 152 -13.70 -42.22 -11.54
C THR A 152 -14.05 -40.88 -12.16
N ILE A 153 -13.32 -39.83 -11.78
CA ILE A 153 -13.44 -38.54 -12.40
C ILE A 153 -12.08 -38.00 -12.74
N LYS A 154 -12.06 -36.98 -13.60
CA LYS A 154 -10.85 -36.32 -14.01
C LYS A 154 -10.88 -34.88 -13.65
N PHE A 155 -9.76 -34.40 -13.11
CA PHE A 155 -9.58 -33.04 -12.54
C PHE A 155 -8.44 -32.41 -13.38
N GLY A 156 -8.73 -31.29 -14.03
CA GLY A 156 -7.74 -30.56 -14.82
C GLY A 156 -7.01 -29.56 -13.95
N THR A 157 -5.72 -29.81 -13.69
CA THR A 157 -5.01 -29.05 -12.70
C THR A 157 -3.72 -28.42 -13.28
N ASN A 158 -3.19 -27.44 -12.58
CA ASN A 158 -1.91 -26.84 -12.87
C ASN A 158 -1.74 -26.30 -14.27
N ILE A 159 -2.79 -25.63 -14.79
CA ILE A 159 -2.75 -25.06 -16.13
C ILE A 159 -1.98 -23.74 -16.09
N ASP A 160 -0.93 -23.63 -16.89
CA ASP A 160 0.05 -22.55 -16.76
C ASP A 160 -0.37 -21.34 -17.56
N LEU A 161 -0.82 -20.29 -16.86
CA LEU A 161 -1.20 -19.02 -17.51
C LEU A 161 -0.10 -17.91 -17.41
N SER A 162 1.17 -18.32 -17.46
CA SER A 162 2.27 -17.38 -17.37
C SER A 162 2.48 -16.54 -18.62
N ASP A 163 2.12 -17.01 -19.80
CA ASP A 163 2.54 -16.34 -21.05
C ASP A 163 1.62 -15.17 -21.36
N ASN A 164 2.09 -13.95 -21.16
CA ASN A 164 1.29 -12.76 -21.46
C ASN A 164 0.85 -12.62 -22.91
N LYS A 165 1.54 -13.28 -23.82
CA LYS A 165 1.09 -13.19 -25.20
C LYS A 165 -0.09 -14.08 -25.45
N LYS A 166 -0.28 -15.13 -24.65
CA LYS A 166 -1.38 -16.07 -24.88
C LYS A 166 -2.57 -15.75 -24.02
N TRP A 167 -2.32 -15.01 -22.93
CA TRP A 167 -3.34 -14.73 -21.95
C TRP A 167 -3.44 -13.22 -21.56
N LYS A 168 -3.22 -12.34 -22.55
CA LYS A 168 -3.21 -10.91 -22.35
C LYS A 168 -4.41 -10.41 -21.57
N LEU A 169 -5.59 -10.69 -22.08
CA LEU A 169 -6.80 -10.15 -21.49
C LEU A 169 -7.05 -10.73 -20.11
N GLN A 170 -6.76 -12.02 -19.96
CA GLN A 170 -6.96 -12.67 -18.69
C GLN A 170 -6.08 -12.06 -17.61
N LEU A 171 -4.80 -11.92 -17.89
CA LEU A 171 -3.87 -11.37 -16.91
C LEU A 171 -4.16 -9.89 -16.63
N HIS A 172 -4.59 -9.15 -17.65
CA HIS A 172 -4.93 -7.74 -17.46
C HIS A 172 -6.09 -7.58 -16.48
N GLU A 173 -7.05 -8.49 -16.56
CA GLU A 173 -8.22 -8.39 -15.71
C GLU A 173 -7.82 -8.47 -14.23
N LEU A 174 -6.79 -9.26 -13.97
CA LEU A 174 -6.37 -9.46 -12.59
C LEU A 174 -5.63 -8.25 -11.98
N THR A 175 -5.17 -7.32 -12.81
CA THR A 175 -4.52 -6.06 -12.30
C THR A 175 -5.56 -5.11 -11.67
N LYS A 176 -6.87 -5.40 -11.86
CA LYS A 176 -7.96 -4.65 -11.19
C LYS A 176 -8.15 -5.00 -9.73
N LEU A 177 -7.55 -6.09 -9.25
CA LEU A 177 -7.50 -6.39 -7.83
C LEU A 177 -6.78 -5.28 -7.00
N PRO A 178 -7.11 -5.16 -5.69
CA PRO A 178 -6.30 -4.34 -4.80
C PRO A 178 -4.86 -4.87 -4.78
N ALA A 179 -3.91 -3.98 -4.63
CA ALA A 179 -2.49 -4.26 -4.73
C ALA A 179 -2.08 -5.47 -3.94
N PHE A 180 -2.58 -5.62 -2.74
CA PHE A 180 -2.04 -6.66 -1.82
C PHE A 180 -2.28 -8.04 -2.37
N ALA A 181 -3.30 -8.21 -3.20
CA ALA A 181 -3.68 -9.50 -3.79
C ALA A 181 -3.22 -9.77 -5.22
N ARG A 182 -2.55 -8.78 -5.84
CA ARG A 182 -2.17 -8.90 -7.23
C ARG A 182 -1.03 -9.89 -7.37
N VAL A 183 -0.93 -10.44 -8.57
CA VAL A 183 0.24 -11.30 -8.92
C VAL A 183 1.59 -10.55 -8.78
N VAL A 184 1.60 -9.27 -9.17
CA VAL A 184 2.75 -8.41 -9.08
C VAL A 184 2.43 -7.15 -8.29
N SER A 185 3.22 -6.90 -7.25
CA SER A 185 3.14 -5.66 -6.47
C SER A 185 4.38 -5.38 -5.63
N ALA A 186 4.55 -4.11 -5.24
CA ALA A 186 5.70 -3.69 -4.45
C ALA A 186 5.72 -4.34 -3.07
N GLY A 187 4.55 -4.67 -2.54
CA GLY A 187 4.40 -5.31 -1.23
C GLY A 187 4.43 -6.83 -1.29
N ASN A 188 4.79 -7.39 -2.42
CA ASN A 188 4.82 -8.82 -2.57
C ASN A 188 6.28 -9.32 -2.66
N LEU A 189 6.69 -10.08 -1.66
CA LEU A 189 8.05 -10.67 -1.64
C LEU A 189 8.35 -11.44 -2.93
N LEU A 190 7.33 -12.09 -3.53
CA LEU A 190 7.57 -12.79 -4.82
C LEU A 190 7.89 -11.89 -6.02
N THR A 191 7.50 -10.62 -5.90
CA THR A 191 7.86 -9.65 -6.89
C THR A 191 9.34 -9.33 -6.69
N HIS A 192 9.82 -9.39 -5.46
CA HIS A 192 11.20 -9.04 -5.23
C HIS A 192 12.23 -10.11 -5.47
N VAL A 193 11.76 -11.34 -5.69
CA VAL A 193 12.62 -12.42 -6.10
C VAL A 193 13.38 -12.05 -7.40
N GLY A 194 12.71 -11.36 -8.32
CA GLY A 194 13.36 -10.87 -9.53
C GLY A 194 13.36 -11.84 -10.71
N HIS A 195 12.63 -12.93 -10.60
CA HIS A 195 12.47 -13.90 -11.67
C HIS A 195 11.22 -14.76 -11.44
N THR A 196 10.81 -15.47 -12.48
CA THR A 196 9.58 -16.30 -12.46
C THR A 196 9.79 -17.49 -11.57
N ILE A 197 8.78 -17.78 -10.74
CA ILE A 197 8.64 -19.02 -10.04
C ILE A 197 7.27 -19.55 -10.45
N LEU A 198 7.25 -20.58 -11.27
CA LEU A 198 6.01 -21.00 -11.95
C LEU A 198 4.92 -21.35 -10.96
N GLY A 199 3.76 -20.71 -11.15
CA GLY A 199 2.58 -20.97 -10.32
C GLY A 199 2.53 -20.20 -9.00
N MET A 200 3.60 -19.47 -8.70
CA MET A 200 3.70 -18.67 -7.49
C MET A 200 3.56 -17.23 -7.87
N ASN A 201 4.47 -16.70 -8.68
CA ASN A 201 4.28 -15.39 -9.26
C ASN A 201 3.80 -15.40 -10.69
N THR A 202 3.17 -16.50 -11.07
CA THR A 202 2.42 -16.58 -12.32
C THR A 202 1.14 -17.33 -11.97
N VAL A 203 0.11 -17.11 -12.79
CA VAL A 203 -1.22 -17.65 -12.56
C VAL A 203 -1.35 -19.09 -13.00
N GLN A 204 -1.94 -19.88 -12.08
CA GLN A 204 -2.39 -21.23 -12.37
C GLN A 204 -3.90 -21.30 -12.53
N LEU A 205 -4.36 -22.18 -13.41
CA LEU A 205 -5.80 -22.37 -13.59
C LEU A 205 -6.14 -23.83 -13.39
N TYR A 206 -7.35 -24.06 -12.87
CA TYR A 206 -7.90 -25.35 -12.60
C TYR A 206 -9.29 -25.44 -13.25
N MET A 207 -9.55 -26.59 -13.88
CA MET A 207 -10.81 -26.88 -14.50
C MET A 207 -11.36 -28.14 -13.84
N LYS A 208 -12.61 -28.09 -13.37
CA LYS A 208 -13.09 -29.07 -12.47
C LYS A 208 -14.45 -29.62 -12.83
N VAL A 209 -14.65 -30.86 -12.36
CA VAL A 209 -15.96 -31.47 -12.23
C VAL A 209 -16.21 -31.83 -10.76
N PRO A 210 -17.48 -32.06 -10.41
CA PRO A 210 -17.81 -32.39 -9.02
C PRO A 210 -16.96 -33.53 -8.47
N GLY A 211 -16.37 -33.27 -7.31
CA GLY A 211 -15.51 -34.22 -6.62
C GLY A 211 -14.03 -34.08 -6.92
N SER A 212 -13.64 -33.14 -7.80
CA SER A 212 -12.25 -32.84 -8.11
C SER A 212 -11.61 -32.32 -6.83
N ARG A 213 -10.57 -33.02 -6.36
CA ARG A 213 -9.98 -32.82 -5.09
C ARG A 213 -8.54 -32.34 -5.20
N THR A 214 -8.26 -31.33 -4.44
CA THR A 214 -6.91 -30.86 -4.17
C THR A 214 -6.58 -31.35 -2.79
N PRO A 215 -5.68 -32.36 -2.69
CA PRO A 215 -5.47 -32.96 -1.39
C PRO A 215 -4.67 -32.08 -0.40
N GLY A 216 -4.47 -32.57 0.79
CA GLY A 216 -3.94 -31.76 1.89
C GLY A 216 -2.53 -31.27 1.64
N HIS A 217 -2.32 -30.00 1.92
CA HIS A 217 -0.98 -29.41 1.71
C HIS A 217 -0.82 -28.06 2.38
N GLN A 218 0.43 -27.65 2.45
CA GLN A 218 0.79 -26.26 2.65
C GLN A 218 1.37 -25.72 1.34
N GLU A 219 1.34 -24.40 1.23
CA GLU A 219 1.85 -23.76 0.03
C GLU A 219 3.38 -23.93 0.01
N ASN A 220 3.93 -23.75 -1.18
CA ASN A 220 5.37 -23.76 -1.37
C ASN A 220 5.96 -22.67 -0.45
N ASN A 221 6.98 -23.09 0.32
CA ASN A 221 7.65 -22.26 1.33
C ASN A 221 6.71 -21.42 2.16
N ASN A 222 5.53 -21.98 2.44
CA ASN A 222 4.56 -21.34 3.32
C ASN A 222 4.10 -19.95 2.88
N PHE A 223 4.16 -19.66 1.57
CA PHE A 223 3.63 -18.42 1.08
C PHE A 223 2.11 -18.38 1.08
N CYS A 224 1.57 -17.20 1.39
CA CYS A 224 0.15 -16.98 1.22
C CYS A 224 -0.30 -17.30 -0.20
N SER A 225 -1.61 -17.59 -0.34
CA SER A 225 -2.18 -17.84 -1.63
C SER A 225 -3.51 -17.13 -1.80
N VAL A 226 -3.80 -16.84 -3.07
CA VAL A 226 -5.06 -16.25 -3.56
C VAL A 226 -5.71 -17.29 -4.48
N ASN A 227 -7.00 -17.52 -4.31
CA ASN A 227 -7.79 -18.39 -5.19
C ASN A 227 -9.13 -17.72 -5.47
N ILE A 228 -9.49 -17.59 -6.73
CA ILE A 228 -10.81 -17.08 -7.10
C ILE A 228 -11.55 -18.18 -7.86
N ASN A 229 -12.78 -18.46 -7.45
CA ASN A 229 -13.66 -19.38 -8.15
C ASN A 229 -14.38 -18.67 -9.30
N ILE A 230 -14.22 -19.19 -10.48
CA ILE A 230 -14.78 -18.62 -11.67
C ILE A 230 -16.24 -19.03 -11.81
N GLY A 231 -16.59 -20.13 -11.20
CA GLY A 231 -17.91 -20.71 -11.33
C GLY A 231 -18.01 -21.59 -12.59
N PRO A 232 -19.21 -22.04 -12.94
CA PRO A 232 -20.45 -21.58 -12.30
C PRO A 232 -20.75 -22.26 -10.96
N GLY A 233 -20.11 -23.38 -10.65
CA GLY A 233 -20.39 -24.12 -9.42
C GLY A 233 -19.49 -23.66 -8.28
N ASP A 234 -19.69 -24.32 -7.15
CA ASP A 234 -19.05 -24.00 -5.88
C ASP A 234 -17.87 -24.93 -5.54
N CYS A 235 -16.97 -24.48 -4.65
CA CYS A 235 -15.93 -25.36 -4.06
C CYS A 235 -16.10 -25.33 -2.57
N GLU A 236 -15.69 -26.41 -1.93
CA GLU A 236 -15.73 -26.55 -0.53
C GLU A 236 -14.31 -26.69 0.00
N TRP A 237 -14.01 -25.87 1.00
CA TRP A 237 -12.65 -25.75 1.53
C TRP A 237 -12.60 -26.26 2.96
N PHE A 238 -11.46 -26.89 3.30
CA PHE A 238 -11.17 -27.35 4.63
C PHE A 238 -9.81 -26.79 5.03
N VAL A 239 -9.73 -26.18 6.22
CA VAL A 239 -8.55 -25.42 6.63
C VAL A 239 -8.20 -25.68 8.08
N VAL A 240 -6.90 -25.91 8.29
CA VAL A 240 -6.32 -26.06 9.61
C VAL A 240 -5.22 -24.98 9.85
N PRO A 241 -5.21 -24.36 11.02
CA PRO A 241 -4.15 -23.36 11.22
C PRO A 241 -2.75 -23.93 11.18
N GLU A 242 -1.82 -23.08 10.75
CA GLU A 242 -0.43 -23.41 10.58
C GLU A 242 0.11 -24.08 11.81
N ASP A 243 -0.26 -23.61 13.00
CA ASP A 243 0.43 -24.11 14.15
C ASP A 243 -0.01 -25.53 14.53
N TYR A 244 -0.97 -26.08 13.82
CA TYR A 244 -1.27 -27.52 13.95
C TYR A 244 -0.68 -28.38 12.86
N TRP A 245 0.19 -27.81 11.99
CA TRP A 245 0.71 -28.58 10.87
C TRP A 245 1.47 -29.80 11.36
N GLY A 246 2.15 -29.68 12.50
CA GLY A 246 2.88 -30.83 13.07
C GLY A 246 2.00 -32.02 13.37
N VAL A 247 0.80 -31.78 13.86
CA VAL A 247 -0.13 -32.88 14.14
C VAL A 247 -0.46 -33.68 12.88
N LEU A 248 -0.66 -32.95 11.81
CA LEU A 248 -0.99 -33.57 10.54
C LEU A 248 0.22 -34.26 9.95
N ASN A 249 1.41 -33.67 10.12
CA ASN A 249 2.68 -34.39 9.73
C ASN A 249 2.85 -35.69 10.47
N ASP A 250 2.56 -35.66 11.77
CA ASP A 250 2.51 -36.90 12.59
C ASP A 250 1.58 -37.98 12.09
N PHE A 251 0.34 -37.60 11.88
CA PHE A 251 -0.67 -38.53 11.33
C PHE A 251 -0.17 -39.14 10.05
N CYS A 252 0.43 -38.30 9.22
CA CYS A 252 0.91 -38.76 7.90
C CYS A 252 1.94 -39.89 8.04
N GLU A 253 2.93 -39.67 8.88
CA GLU A 253 3.94 -40.66 9.13
C GLU A 253 3.40 -41.89 9.77
N LYS A 254 2.56 -41.72 10.79
CA LYS A 254 1.84 -42.85 11.37
C LYS A 254 1.06 -43.67 10.34
N ASN A 255 0.57 -43.07 9.27
CA ASN A 255 -0.11 -43.84 8.21
C ASN A 255 0.79 -44.09 6.97
N ASN A 256 2.11 -43.98 7.11
CA ASN A 256 3.05 -44.26 5.99
C ASN A 256 2.96 -43.32 4.80
N LEU A 257 2.78 -42.04 5.09
CA LEU A 257 2.62 -41.03 4.07
C LEU A 257 3.64 -39.90 4.28
N ASN A 258 4.13 -39.38 3.17
CA ASN A 258 4.94 -38.20 3.14
C ASN A 258 3.99 -37.01 3.13
N PHE A 259 4.07 -36.22 4.18
CA PHE A 259 3.23 -35.03 4.34
C PHE A 259 3.40 -34.08 3.16
N LEU A 260 4.66 -33.86 2.75
CA LEU A 260 4.98 -32.87 1.71
C LEU A 260 4.67 -33.39 0.32
N MET A 261 4.81 -34.68 0.11
CA MET A 261 4.84 -35.22 -1.23
C MET A 261 3.80 -36.25 -1.58
N SER A 262 3.09 -36.89 -0.62
CA SER A 262 1.96 -37.83 -0.93
C SER A 262 0.62 -37.11 -1.06
N SER A 263 -0.38 -37.78 -1.63
CA SER A 263 -1.79 -37.28 -1.75
C SER A 263 -2.61 -37.85 -0.60
N TRP A 264 -3.05 -36.99 0.32
CA TRP A 264 -3.80 -37.41 1.45
C TRP A 264 -4.99 -36.47 1.69
N TRP A 265 -6.02 -37.04 2.28
CA TRP A 265 -7.32 -36.35 2.52
C TRP A 265 -7.68 -36.71 3.95
N PRO A 266 -7.50 -35.75 4.88
CA PRO A 266 -7.69 -35.96 6.32
C PRO A 266 -9.07 -36.49 6.66
N ASN A 267 -9.09 -37.48 7.56
CA ASN A 267 -10.32 -37.93 8.22
C ASN A 267 -10.70 -36.91 9.31
N LEU A 268 -11.82 -36.26 9.11
CA LEU A 268 -12.25 -35.24 10.05
C LEU A 268 -12.47 -35.77 11.45
N GLU A 269 -12.90 -37.03 11.57
CA GLU A 269 -13.05 -37.64 12.89
C GLU A 269 -11.74 -37.77 13.63
N ASP A 270 -10.67 -38.12 12.90
CA ASP A 270 -9.33 -38.16 13.48
C ASP A 270 -8.88 -36.78 13.99
N LEU A 271 -9.15 -35.74 13.23
CA LEU A 271 -8.71 -34.39 13.57
C LEU A 271 -9.46 -33.89 14.78
N TYR A 272 -10.76 -34.20 14.85
CA TYR A 272 -11.57 -33.78 15.99
C TYR A 272 -11.05 -34.48 17.25
N GLU A 273 -10.81 -35.77 17.14
CA GLU A 273 -10.27 -36.57 18.27
C GLU A 273 -8.95 -36.00 18.72
N ALA A 274 -8.15 -35.46 17.79
CA ALA A 274 -6.86 -34.87 18.10
C ALA A 274 -6.93 -33.41 18.53
N ASN A 275 -8.13 -32.89 18.77
CA ASN A 275 -8.31 -31.49 19.18
C ASN A 275 -7.72 -30.49 18.20
N VAL A 276 -7.84 -30.80 16.92
CA VAL A 276 -7.44 -29.90 15.83
C VAL A 276 -8.64 -29.14 15.27
N PRO A 277 -8.60 -27.78 15.34
CA PRO A 277 -9.72 -27.07 14.77
C PRO A 277 -9.70 -27.12 13.26
N VAL A 278 -10.89 -27.17 12.67
CA VAL A 278 -11.07 -27.27 11.25
C VAL A 278 -12.10 -26.22 10.85
N TYR A 279 -11.65 -25.33 10.00
CA TYR A 279 -12.49 -24.32 9.37
C TYR A 279 -13.02 -24.96 8.08
N ARG A 280 -14.28 -24.79 7.78
CA ARG A 280 -14.82 -25.31 6.53
C ARG A 280 -15.83 -24.35 6.01
N PHE A 281 -15.80 -24.16 4.71
CA PHE A 281 -16.70 -23.19 4.07
C PHE A 281 -16.86 -23.48 2.61
N ILE A 282 -17.81 -22.75 2.03
CA ILE A 282 -18.10 -22.76 0.61
C ILE A 282 -17.61 -21.47 -0.06
N GLN A 283 -16.88 -21.67 -1.15
CA GLN A 283 -16.42 -20.63 -2.01
C GLN A 283 -17.27 -20.61 -3.27
N ARG A 284 -18.00 -19.53 -3.43
CA ARG A 284 -18.93 -19.36 -4.55
C ARG A 284 -18.25 -18.61 -5.65
N PRO A 285 -18.86 -18.62 -6.83
CA PRO A 285 -18.22 -17.92 -7.96
C PRO A 285 -18.01 -16.48 -7.57
N GLY A 286 -16.80 -15.98 -7.80
CA GLY A 286 -16.43 -14.62 -7.53
C GLY A 286 -15.89 -14.36 -6.15
N ASP A 287 -15.92 -15.37 -5.27
CA ASP A 287 -15.34 -15.28 -3.95
C ASP A 287 -13.84 -15.55 -4.05
N LEU A 288 -13.07 -14.71 -3.34
CA LEU A 288 -11.63 -14.87 -3.28
C LEU A 288 -11.26 -15.47 -1.96
N VAL A 289 -10.43 -16.55 -2.00
CA VAL A 289 -9.98 -17.16 -0.77
C VAL A 289 -8.52 -16.79 -0.60
N TRP A 290 -8.23 -16.19 0.52
CA TRP A 290 -6.87 -15.84 0.96
C TRP A 290 -6.40 -16.84 2.00
N ILE A 291 -5.40 -17.65 1.60
CA ILE A 291 -4.82 -18.61 2.50
C ILE A 291 -3.60 -17.97 3.13
N ASN A 292 -3.59 -17.86 4.45
CA ASN A 292 -2.50 -17.21 5.19
C ASN A 292 -1.30 -18.12 5.28
N ALA A 293 -0.21 -17.58 5.81
CA ALA A 293 1.07 -18.25 5.71
C ALA A 293 1.08 -19.53 6.49
N GLY A 294 1.38 -20.63 5.80
CA GLY A 294 1.49 -21.96 6.46
C GLY A 294 0.17 -22.67 6.75
N THR A 295 -0.97 -22.06 6.40
CA THR A 295 -2.24 -22.70 6.66
C THR A 295 -2.37 -23.99 5.86
N VAL A 296 -2.77 -25.05 6.55
CA VAL A 296 -2.93 -26.34 5.91
C VAL A 296 -4.33 -26.41 5.28
N HIS A 297 -4.47 -26.97 4.10
CA HIS A 297 -5.81 -26.92 3.44
C HIS A 297 -5.96 -27.97 2.38
N TRP A 298 -7.24 -28.30 2.12
CA TRP A 298 -7.65 -29.24 1.10
C TRP A 298 -9.05 -28.79 0.64
N VAL A 299 -9.32 -29.07 -0.62
CA VAL A 299 -10.43 -28.46 -1.37
C VAL A 299 -11.11 -29.50 -2.26
N GLN A 300 -12.44 -29.36 -2.42
CA GLN A 300 -13.08 -30.12 -3.45
C GLN A 300 -14.12 -29.31 -4.19
N ALA A 301 -14.28 -29.61 -5.48
CA ALA A 301 -15.34 -29.01 -6.27
C ALA A 301 -16.65 -29.68 -5.86
N VAL A 302 -17.67 -28.85 -5.62
CA VAL A 302 -19.04 -29.31 -5.33
C VAL A 302 -19.77 -29.36 -6.66
N GLY A 303 -19.52 -28.39 -7.50
CA GLY A 303 -20.12 -28.37 -8.82
C GLY A 303 -19.08 -28.35 -9.94
N TRP A 304 -19.53 -27.87 -11.10
CA TRP A 304 -18.66 -27.72 -12.26
C TRP A 304 -18.12 -26.29 -12.22
N CYS A 305 -16.81 -26.15 -12.17
CA CYS A 305 -16.26 -24.81 -12.08
C CYS A 305 -14.84 -24.78 -12.54
N ASN A 306 -14.34 -23.57 -12.78
CA ASN A 306 -12.88 -23.35 -12.90
C ASN A 306 -12.40 -22.48 -11.72
N ASN A 307 -11.12 -22.55 -11.38
CA ASN A 307 -10.55 -21.66 -10.35
C ASN A 307 -9.20 -21.12 -10.88
N ILE A 308 -8.81 -19.93 -10.40
CA ILE A 308 -7.50 -19.38 -10.66
C ILE A 308 -6.78 -19.10 -9.34
N ALA A 309 -5.47 -19.20 -9.38
CA ALA A 309 -4.70 -19.06 -8.13
C ALA A 309 -3.26 -18.70 -8.39
N TRP A 310 -2.69 -18.13 -7.34
CA TRP A 310 -1.27 -17.75 -7.33
C TRP A 310 -0.87 -17.52 -5.89
N ASN A 311 0.40 -17.24 -5.66
CA ASN A 311 0.87 -16.96 -4.35
C ASN A 311 1.21 -15.45 -4.20
N VAL A 312 1.24 -15.00 -2.95
CA VAL A 312 1.66 -13.67 -2.55
C VAL A 312 2.46 -13.79 -1.25
N GLY A 313 3.49 -12.97 -1.13
CA GLY A 313 4.26 -12.91 0.07
C GLY A 313 4.18 -11.53 0.71
N PRO A 314 3.24 -11.36 1.66
CA PRO A 314 3.22 -10.03 2.28
C PRO A 314 4.48 -9.75 3.05
N LEU A 315 4.81 -8.47 3.16
CA LEU A 315 5.99 -8.08 3.93
C LEU A 315 5.68 -8.07 5.40
N THR A 316 5.58 -9.23 6.01
CA THR A 316 5.39 -9.30 7.44
C THR A 316 6.41 -10.24 8.07
N ALA A 317 6.65 -10.01 9.35
CA ALA A 317 7.54 -10.86 10.12
C ALA A 317 7.06 -12.32 10.06
N CYS A 318 5.74 -12.52 10.20
CA CYS A 318 5.19 -13.84 10.20
C CYS A 318 5.44 -14.54 8.83
N GLN A 319 5.24 -13.84 7.69
CA GLN A 319 5.45 -14.46 6.42
C GLN A 319 6.90 -14.89 6.27
N TYR A 320 7.79 -13.98 6.58
CA TYR A 320 9.23 -14.27 6.37
C TYR A 320 9.71 -15.42 7.27
N LYS A 321 9.34 -15.38 8.56
CA LYS A 321 9.67 -16.45 9.49
C LYS A 321 9.23 -17.81 9.00
N LEU A 322 7.96 -17.91 8.61
CA LEU A 322 7.42 -19.19 8.12
C LEU A 322 8.06 -19.69 6.83
N ALA A 323 8.42 -18.77 5.94
CA ALA A 323 9.05 -19.13 4.68
C ALA A 323 10.47 -19.64 4.96
N VAL A 324 11.18 -18.95 5.83
CA VAL A 324 12.50 -19.42 6.27
C VAL A 324 12.45 -20.77 6.94
N GLU A 325 11.50 -20.97 7.85
CA GLU A 325 11.36 -22.26 8.51
C GLU A 325 11.13 -23.40 7.51
N ARG A 326 10.22 -23.22 6.57
CA ARG A 326 9.91 -24.29 5.59
C ARG A 326 11.08 -24.47 4.63
N TYR A 327 11.79 -23.39 4.30
CA TYR A 327 13.00 -23.51 3.53
C TYR A 327 14.03 -24.44 4.19
N GLU A 328 14.17 -24.33 5.47
CA GLU A 328 15.12 -25.15 6.24
C GLU A 328 14.60 -26.56 6.44
N TRP A 329 13.31 -26.66 6.67
CA TRP A 329 12.66 -27.99 6.76
C TRP A 329 12.81 -28.77 5.47
N ASN A 330 12.56 -28.10 4.35
CA ASN A 330 12.76 -28.73 3.02
C ASN A 330 14.15 -29.34 2.83
N LYS A 331 15.18 -28.64 3.32
CA LYS A 331 16.54 -29.21 3.28
C LYS A 331 16.61 -30.54 4.00
N LEU A 332 16.05 -30.60 5.18
CA LEU A 332 16.04 -31.84 5.97
C LEU A 332 15.30 -32.94 5.29
N LYS A 333 14.23 -32.61 4.60
CA LYS A 333 13.42 -33.58 3.91
C LYS A 333 13.87 -33.88 2.47
N SER A 334 14.99 -33.31 2.05
CA SER A 334 15.46 -33.42 0.66
C SER A 334 14.46 -33.02 -0.39
N VAL A 335 13.78 -31.91 -0.15
CA VAL A 335 12.78 -31.39 -1.05
C VAL A 335 13.28 -30.02 -1.51
N LYS A 336 13.24 -29.75 -2.80
CA LYS A 336 13.60 -28.43 -3.35
C LYS A 336 12.62 -27.36 -2.86
N SER A 337 13.13 -26.24 -2.44
CA SER A 337 12.36 -25.02 -2.16
C SER A 337 12.18 -24.22 -3.46
N PRO A 338 10.92 -24.06 -3.92
CA PRO A 338 10.73 -23.24 -5.11
C PRO A 338 11.11 -21.78 -4.91
N VAL A 339 11.07 -21.32 -3.66
CA VAL A 339 11.50 -19.95 -3.35
C VAL A 339 12.93 -19.93 -2.84
N PRO A 340 13.81 -19.25 -3.59
CA PRO A 340 15.24 -19.17 -3.16
C PRO A 340 15.39 -18.11 -2.06
N MET A 341 15.23 -18.53 -0.83
CA MET A 341 15.18 -17.59 0.27
C MET A 341 16.51 -16.80 0.53
N VAL A 342 17.66 -17.34 0.13
CA VAL A 342 18.89 -16.58 0.24
C VAL A 342 18.90 -15.45 -0.77
N HIS A 343 18.72 -15.77 -2.04
CA HIS A 343 18.60 -14.75 -3.11
C HIS A 343 17.56 -13.68 -2.77
N LEU A 344 16.40 -14.12 -2.29
CA LEU A 344 15.36 -13.17 -1.93
C LEU A 344 15.77 -12.27 -0.81
N SER A 345 16.41 -12.84 0.21
CA SER A 345 16.83 -12.05 1.34
C SER A 345 17.79 -10.93 0.92
N TRP A 346 18.72 -11.24 0.02
CA TRP A 346 19.65 -10.22 -0.47
C TRP A 346 18.92 -9.18 -1.33
N ASN A 347 17.95 -9.60 -2.12
CA ASN A 347 17.19 -8.62 -2.90
C ASN A 347 16.38 -7.66 -2.04
N MET A 348 15.85 -8.16 -0.93
CA MET A 348 15.14 -7.33 0.03
C MET A 348 16.15 -6.33 0.62
N ALA A 349 17.33 -6.79 1.00
CA ALA A 349 18.30 -5.83 1.55
C ALA A 349 18.80 -4.78 0.54
N ARG A 350 18.93 -5.16 -0.71
CA ARG A 350 19.36 -4.22 -1.75
C ARG A 350 18.26 -3.23 -2.11
N ASN A 351 17.01 -3.64 -2.09
CA ASN A 351 15.96 -2.93 -2.76
C ASN A 351 14.75 -2.44 -1.96
N ILE A 352 14.55 -2.96 -0.77
CA ILE A 352 13.37 -2.69 0.03
C ILE A 352 13.78 -1.97 1.28
N LYS A 353 13.21 -0.80 1.47
CA LYS A 353 13.32 -0.13 2.76
C LYS A 353 12.35 -0.84 3.64
N VAL A 354 12.84 -1.43 4.72
CA VAL A 354 12.05 -2.18 5.67
C VAL A 354 11.88 -1.41 6.98
N SER A 355 10.64 -1.16 7.36
CA SER A 355 10.35 -0.34 8.54
C SER A 355 9.71 -1.09 9.68
N ASP A 356 9.36 -2.36 9.48
CA ASP A 356 8.93 -3.20 10.62
C ASP A 356 10.14 -3.78 11.33
N PRO A 357 10.31 -3.41 12.60
CA PRO A 357 11.47 -3.84 13.41
C PRO A 357 11.64 -5.32 13.56
N LYS A 358 10.56 -6.07 13.75
CA LYS A 358 10.69 -7.53 13.86
C LYS A 358 11.12 -8.20 12.53
N LEU A 359 10.54 -7.79 11.41
CA LEU A 359 10.91 -8.34 10.10
C LEU A 359 12.32 -7.92 9.76
N PHE A 360 12.65 -6.68 10.11
CA PHE A 360 14.02 -6.23 9.89
C PHE A 360 15.07 -7.11 10.59
N GLU A 361 14.85 -7.36 11.87
CA GLU A 361 15.78 -8.15 12.63
C GLU A 361 15.91 -9.56 12.07
N MET A 362 14.83 -10.14 11.56
CA MET A 362 14.89 -11.48 10.96
C MET A 362 15.75 -11.51 9.71
N ILE A 363 15.52 -10.54 8.82
CA ILE A 363 16.28 -10.49 7.56
C ILE A 363 17.73 -10.21 7.88
N LYS A 364 17.99 -9.29 8.78
CA LYS A 364 19.34 -8.90 9.12
C LYS A 364 20.09 -10.11 9.69
N TYR A 365 19.41 -10.91 10.50
CA TYR A 365 19.95 -12.13 11.11
C TYR A 365 20.33 -13.18 10.07
N CYS A 366 19.43 -13.38 9.13
CA CYS A 366 19.67 -14.33 8.06
C CYS A 366 20.86 -13.92 7.18
N LEU A 367 20.95 -12.63 6.86
CA LEU A 367 22.01 -12.13 6.03
C LEU A 367 23.37 -12.31 6.70
N LEU A 368 23.39 -12.13 8.01
CA LEU A 368 24.60 -12.31 8.78
C LEU A 368 25.03 -13.78 8.76
N LYS A 369 24.07 -14.71 8.92
CA LYS A 369 24.40 -16.14 8.85
C LYS A 369 24.97 -16.51 7.49
N ILE A 370 24.37 -15.97 6.45
CA ILE A 370 24.75 -16.26 5.07
C ILE A 370 26.15 -15.74 4.85
N LEU A 371 26.35 -14.50 5.22
CA LEU A 371 27.68 -13.85 5.12
C LEU A 371 28.75 -14.58 5.88
N LYS A 372 28.50 -14.93 7.14
CA LYS A 372 29.52 -15.65 7.92
C LYS A 372 29.81 -17.11 7.38
N GLN A 373 28.79 -17.84 6.93
CA GLN A 373 29.05 -19.12 6.28
C GLN A 373 29.85 -18.96 4.97
N TYR A 374 29.51 -17.97 4.17
CA TYR A 374 30.22 -17.71 2.95
C TYR A 374 31.67 -17.34 3.23
N GLN A 375 31.91 -16.46 4.19
CA GLN A 375 33.34 -16.18 4.60
C GLN A 375 34.11 -17.37 5.07
N THR A 376 33.48 -18.23 5.86
CA THR A 376 34.11 -19.43 6.36
C THR A 376 34.48 -20.37 5.20
N LEU A 377 33.53 -20.63 4.33
CA LEU A 377 33.82 -21.47 3.15
C LEU A 377 34.90 -20.86 2.26
N ARG A 378 34.78 -19.57 1.97
CA ARG A 378 35.75 -18.94 1.05
C ARG A 378 37.18 -18.92 1.60
N GLU A 379 37.31 -18.66 2.90
CA GLU A 379 38.65 -18.83 3.59
C GLU A 379 39.20 -20.26 3.59
N ALA A 380 38.30 -21.24 3.66
CA ALA A 380 38.75 -22.63 3.63
C ALA A 380 39.32 -22.94 2.27
N LEU A 381 38.62 -22.51 1.24
CA LEU A 381 39.08 -22.69 -0.11
C LEU A 381 40.43 -22.02 -0.32
N VAL A 382 40.53 -20.79 0.12
CA VAL A 382 41.78 -20.08 -0.07
C VAL A 382 42.94 -20.71 0.73
N ALA A 383 42.67 -21.10 1.96
CA ALA A 383 43.69 -21.74 2.79
C ALA A 383 44.13 -23.11 2.22
N ALA A 384 43.29 -23.74 1.43
CA ALA A 384 43.65 -24.97 0.78
C ALA A 384 44.31 -24.74 -0.56
N GLY A 385 44.50 -23.47 -0.94
CA GLY A 385 45.12 -23.13 -2.23
C GLY A 385 44.20 -23.28 -3.45
N LYS A 386 42.89 -23.43 -3.24
CA LYS A 386 41.98 -23.49 -4.39
C LYS A 386 41.63 -22.09 -4.90
N GLU A 387 41.79 -21.86 -6.20
CA GLU A 387 41.49 -20.57 -6.82
C GLU A 387 40.00 -20.23 -6.85
N VAL A 388 39.64 -18.97 -6.57
CA VAL A 388 38.27 -18.50 -6.71
C VAL A 388 38.18 -17.61 -7.94
N ILE A 389 37.37 -17.97 -8.90
CA ILE A 389 37.36 -17.31 -10.20
C ILE A 389 36.27 -16.26 -10.24
N TRP A 390 36.65 -15.01 -10.52
CA TRP A 390 35.63 -13.98 -10.65
C TRP A 390 34.74 -14.24 -11.90
N HIS A 391 33.47 -14.50 -11.66
CA HIS A 391 32.51 -14.91 -12.70
C HIS A 391 31.37 -13.92 -12.91
N GLY A 392 30.94 -13.26 -11.84
CA GLY A 392 29.92 -12.26 -11.91
C GLY A 392 28.56 -12.83 -12.27
N ARG A 393 27.74 -11.96 -12.83
CA ARG A 393 26.38 -12.26 -12.88
C ARG A 393 25.68 -11.40 -13.87
N THR A 394 24.66 -11.93 -14.55
CA THR A 394 23.79 -11.13 -15.41
C THR A 394 22.67 -10.62 -14.53
N ASN A 395 22.12 -9.46 -14.85
CA ASN A 395 20.97 -8.95 -14.10
C ASN A 395 19.79 -9.87 -14.37
N GLU A 396 18.91 -9.97 -13.37
CA GLU A 396 17.74 -10.84 -13.47
C GLU A 396 18.06 -12.36 -13.55
N GLU A 397 19.35 -12.72 -13.60
CA GLU A 397 19.72 -14.12 -13.57
C GLU A 397 19.05 -14.79 -12.37
N PRO A 398 18.43 -15.92 -12.61
CA PRO A 398 17.78 -16.53 -11.45
C PRO A 398 18.77 -17.04 -10.41
N ALA A 399 18.26 -17.34 -9.23
CA ALA A 399 19.00 -18.05 -8.22
C ALA A 399 19.43 -19.44 -8.75
N HIS A 400 20.52 -19.97 -8.22
CA HIS A 400 20.99 -21.27 -8.62
C HIS A 400 20.72 -22.33 -7.57
N TYR A 401 20.43 -23.55 -8.02
CA TYR A 401 20.28 -24.66 -7.14
C TYR A 401 21.29 -25.76 -7.51
N CYS A 402 21.66 -26.56 -6.54
CA CYS A 402 22.59 -27.66 -6.81
C CYS A 402 22.01 -28.71 -7.78
N SER A 403 22.76 -29.04 -8.81
CA SER A 403 22.23 -29.99 -9.84
C SER A 403 22.08 -31.42 -9.27
N ILE A 404 22.77 -31.74 -8.18
CA ILE A 404 22.60 -33.04 -7.53
C ILE A 404 21.59 -33.04 -6.37
N CYS A 405 21.72 -32.17 -5.37
CA CYS A 405 20.84 -32.22 -4.23
C CYS A 405 19.70 -31.17 -4.25
N GLU A 406 19.77 -30.25 -5.19
CA GLU A 406 18.75 -29.21 -5.35
C GLU A 406 18.67 -28.18 -4.25
N VAL A 407 19.67 -28.09 -3.39
CA VAL A 407 19.78 -27.01 -2.40
C VAL A 407 20.12 -25.71 -3.13
N GLU A 408 19.63 -24.59 -2.62
CA GLU A 408 20.02 -23.30 -3.20
C GLU A 408 21.53 -23.10 -3.00
N VAL A 409 22.21 -22.64 -4.03
CA VAL A 409 23.62 -22.32 -3.99
C VAL A 409 23.77 -20.83 -4.23
N PHE A 410 24.35 -20.16 -3.22
CA PHE A 410 24.59 -18.70 -3.30
C PHE A 410 26.04 -18.32 -3.44
N ASN A 411 26.29 -17.57 -4.49
CA ASN A 411 27.55 -16.87 -4.73
C ASN A 411 28.67 -17.78 -5.25
N LEU A 412 29.13 -18.67 -4.39
CA LEU A 412 30.22 -19.58 -4.80
C LEU A 412 29.57 -20.79 -5.45
N LEU A 413 29.82 -20.92 -6.76
CA LEU A 413 29.25 -21.98 -7.58
C LEU A 413 30.36 -22.98 -7.86
N PHE A 414 30.09 -24.26 -7.67
CA PHE A 414 31.08 -25.28 -8.01
C PHE A 414 30.70 -25.96 -9.33
N VAL A 415 31.57 -25.81 -10.30
CA VAL A 415 31.28 -26.28 -11.65
C VAL A 415 32.41 -27.16 -12.11
N THR A 416 32.09 -28.25 -12.81
CA THR A 416 33.16 -29.16 -13.24
C THR A 416 34.08 -28.44 -14.22
N ASN A 417 35.33 -28.92 -14.30
CA ASN A 417 36.26 -28.34 -15.30
C ASN A 417 35.66 -28.35 -16.70
N GLU A 418 34.93 -29.41 -16.99
CA GLU A 418 34.38 -29.66 -18.30
C GLU A 418 33.23 -28.73 -18.57
N SER A 419 32.32 -28.62 -17.61
CA SER A 419 31.15 -27.75 -17.78
C SER A 419 31.57 -26.29 -17.90
N ASN A 420 32.63 -25.92 -17.20
CA ASN A 420 33.22 -24.58 -17.30
C ASN A 420 33.77 -24.35 -18.69
N THR A 421 34.52 -25.31 -19.17
CA THR A 421 35.04 -25.24 -20.54
C THR A 421 33.91 -25.09 -21.54
N GLN A 422 32.88 -25.90 -21.38
CA GLN A 422 31.72 -25.88 -22.31
C GLN A 422 30.83 -24.66 -22.08
N LYS A 423 31.09 -23.96 -20.99
CA LYS A 423 30.30 -22.79 -20.62
C LYS A 423 28.83 -23.15 -20.41
N THR A 424 28.59 -24.37 -19.94
CA THR A 424 27.26 -24.77 -19.50
C THR A 424 27.06 -24.42 -18.01
N TYR A 425 28.16 -24.22 -17.27
CA TYR A 425 28.09 -23.70 -15.90
C TYR A 425 27.09 -24.43 -15.02
N ILE A 426 27.18 -25.74 -15.03
CA ILE A 426 26.29 -26.59 -14.28
C ILE A 426 26.64 -26.57 -12.81
N VAL A 427 25.73 -26.07 -11.99
CA VAL A 427 26.04 -25.75 -10.58
C VAL A 427 25.90 -26.93 -9.65
N HIS A 428 26.92 -27.05 -8.81
CA HIS A 428 26.91 -27.90 -7.64
C HIS A 428 27.13 -27.06 -6.41
N CYS A 429 26.60 -27.55 -5.31
CA CYS A 429 27.00 -27.04 -3.98
C CYS A 429 28.39 -27.59 -3.59
N HIS A 430 28.98 -27.03 -2.55
CA HIS A 430 30.28 -27.46 -2.08
C HIS A 430 30.26 -28.93 -1.65
N ASP A 431 29.20 -29.32 -0.95
CA ASP A 431 29.22 -30.68 -0.40
C ASP A 431 29.15 -31.70 -1.49
N CYS A 432 28.31 -31.47 -2.50
CA CYS A 432 28.14 -32.39 -3.60
C CYS A 432 29.44 -32.47 -4.43
N ALA A 433 30.09 -31.33 -4.61
CA ALA A 433 31.33 -31.31 -5.35
C ALA A 433 32.37 -32.11 -4.64
N ARG A 434 32.55 -31.87 -3.34
CA ARG A 434 33.53 -32.63 -2.54
C ARG A 434 33.28 -34.07 -2.52
N LYS A 435 32.00 -34.46 -2.47
CA LYS A 435 31.64 -35.86 -2.50
C LYS A 435 32.05 -36.56 -3.81
N THR A 436 31.99 -35.86 -4.92
CA THR A 436 32.41 -36.35 -6.23
C THR A 436 33.95 -36.34 -6.30
N SER A 437 34.54 -35.26 -5.83
CA SER A 437 35.91 -34.92 -6.14
C SER A 437 36.60 -34.43 -4.86
N LYS A 438 37.34 -35.35 -4.23
CA LYS A 438 37.76 -35.14 -2.82
C LYS A 438 38.50 -33.88 -2.54
N SER A 439 39.42 -33.50 -3.41
CA SER A 439 40.16 -32.25 -3.24
C SER A 439 39.68 -31.17 -4.23
N LEU A 440 38.47 -31.34 -4.72
CA LEU A 440 37.90 -30.47 -5.78
C LEU A 440 38.75 -30.36 -7.00
N GLU A 441 39.54 -31.40 -7.30
CA GLU A 441 40.38 -31.34 -8.45
C GLU A 441 39.58 -31.32 -9.76
N ASN A 442 38.32 -31.80 -9.73
CA ASN A 442 37.48 -31.81 -10.92
C ASN A 442 36.64 -30.56 -11.09
N PHE A 443 36.84 -29.60 -10.19
CA PHE A 443 35.97 -28.40 -10.14
C PHE A 443 36.70 -27.08 -10.23
N VAL A 444 35.98 -26.11 -10.77
CA VAL A 444 36.35 -24.72 -10.56
C VAL A 444 35.35 -24.08 -9.61
N VAL A 445 35.81 -23.04 -8.93
CA VAL A 445 34.95 -22.30 -8.03
C VAL A 445 34.68 -20.93 -8.65
N LEU A 446 33.40 -20.66 -9.00
CA LEU A 446 32.99 -19.39 -9.57
C LEU A 446 32.29 -18.49 -8.55
N GLU A 447 32.72 -17.23 -8.48
CA GLU A 447 32.18 -16.26 -7.51
C GLU A 447 31.36 -15.23 -8.29
N GLN A 448 30.11 -15.03 -7.85
CA GLN A 448 29.14 -14.14 -8.53
C GLN A 448 29.09 -12.75 -7.93
N TYR A 449 29.57 -12.62 -6.67
CA TYR A 449 29.55 -11.37 -5.92
C TYR A 449 30.83 -11.12 -5.09
N LYS A 450 31.43 -9.93 -5.20
CA LYS A 450 32.54 -9.56 -4.31
C LYS A 450 32.07 -9.46 -2.87
N MET A 451 32.94 -9.92 -1.99
CA MET A 451 32.67 -9.89 -0.59
C MET A 451 32.44 -8.49 -0.13
N GLU A 452 33.23 -7.56 -0.62
CA GLU A 452 33.19 -6.14 -0.09
C GLU A 452 31.80 -5.60 -0.44
N ASP A 453 31.29 -6.02 -1.59
CA ASP A 453 29.99 -5.56 -2.08
C ASP A 453 28.81 -6.13 -1.28
N LEU A 454 28.81 -7.42 -1.01
CA LEU A 454 27.87 -8.00 -0.04
C LEU A 454 27.94 -7.38 1.38
N ILE A 455 29.15 -7.11 1.86
CA ILE A 455 29.31 -6.51 3.20
C ILE A 455 28.66 -5.14 3.23
N GLN A 456 28.79 -4.43 2.12
CA GLN A 456 28.24 -3.10 2.01
C GLN A 456 26.73 -3.19 1.98
N VAL A 457 26.19 -4.11 1.17
CA VAL A 457 24.74 -4.26 1.11
C VAL A 457 24.21 -4.53 2.51
N TYR A 458 24.86 -5.42 3.24
CA TYR A 458 24.50 -5.71 4.65
C TYR A 458 24.64 -4.49 5.52
N ASP A 459 25.78 -3.81 5.46
CA ASP A 459 25.98 -2.63 6.33
C ASP A 459 24.93 -1.56 6.13
N GLN A 460 24.54 -1.32 4.87
CA GLN A 460 23.61 -0.23 4.52
C GLN A 460 22.16 -0.66 4.61
N PHE A 461 21.92 -1.87 5.10
CA PHE A 461 20.55 -2.35 5.26
C PHE A 461 20.22 -2.07 6.72
N THR A 462 19.45 -1.00 6.94
CA THR A 462 19.13 -0.62 8.30
C THR A 462 17.67 -0.29 8.37
N LEU A 463 17.19 -0.28 9.61
CA LEU A 463 15.76 -0.11 9.84
C LEU A 463 15.32 1.30 9.40
N ALA A 464 14.34 1.38 8.51
CA ALA A 464 13.72 2.64 8.20
C ALA A 464 12.67 3.04 9.25
N LEU A 465 12.58 4.32 9.56
CA LEU A 465 11.53 4.77 10.45
C LEU A 465 10.18 4.89 9.73
N SER A 466 9.19 4.22 10.27
CA SER A 466 7.79 4.53 9.95
C SER A 466 6.98 4.82 11.22
N LEU A 467 6.19 5.87 11.14
CA LEU A 467 5.31 6.22 12.21
C LEU A 467 4.04 5.37 12.29
N SER A 468 3.68 4.60 11.27
CA SER A 468 2.41 3.84 11.39
C SER A 468 2.65 2.42 11.96
N SER A 469 1.62 1.78 12.51
N ASP B 5 -31.02 9.15 -3.66
CA ASP B 5 -29.78 8.45 -4.13
C ASP B 5 -28.68 8.65 -3.06
N LYS B 6 -28.28 7.53 -2.45
CA LYS B 6 -27.18 7.61 -1.54
C LYS B 6 -25.93 8.15 -2.27
N LEU B 7 -25.93 8.19 -3.61
CA LEU B 7 -24.77 8.69 -4.39
C LEU B 7 -24.76 10.19 -4.61
N ASN B 8 -25.85 10.85 -4.23
CA ASN B 8 -26.00 12.30 -4.32
C ASN B 8 -26.48 12.84 -2.97
N PRO B 9 -25.66 12.69 -1.91
CA PRO B 9 -26.18 12.97 -0.59
C PRO B 9 -26.27 14.48 -0.30
N PRO B 10 -27.16 14.84 0.65
CA PRO B 10 -27.20 16.24 1.08
C PRO B 10 -25.90 16.67 1.73
N THR B 11 -25.59 17.95 1.60
CA THR B 11 -24.42 18.52 2.28
C THR B 11 -24.66 18.81 3.75
N PRO B 12 -23.79 18.30 4.65
CA PRO B 12 -23.85 18.75 6.05
C PRO B 12 -23.72 20.28 6.12
N SER B 13 -24.70 20.90 6.78
CA SER B 13 -24.90 22.32 6.73
C SER B 13 -25.24 22.83 8.12
N ILE B 14 -24.72 24.00 8.46
CA ILE B 14 -25.12 24.75 9.62
C ILE B 14 -25.65 26.06 9.11
N TYR B 15 -26.80 26.50 9.62
CA TYR B 15 -27.48 27.70 9.07
C TYR B 15 -27.38 28.74 10.16
N LEU B 16 -26.48 29.74 10.01
CA LEU B 16 -26.37 30.78 11.05
C LEU B 16 -27.22 32.00 10.71
N GLU B 17 -27.71 32.69 11.75
CA GLU B 17 -28.39 34.00 11.63
C GLU B 17 -27.76 35.04 12.59
N ASN B 18 -27.66 34.72 13.89
CA ASN B 18 -27.05 35.60 14.92
C ASN B 18 -25.53 35.35 15.15
N LYS B 19 -24.82 36.38 15.64
CA LYS B 19 -23.40 36.28 16.13
C LYS B 19 -23.19 35.19 17.20
N ARG B 20 -24.22 34.89 17.98
CA ARG B 20 -24.15 33.87 19.04
C ARG B 20 -24.17 32.42 18.50
N ASP B 21 -24.96 32.18 17.44
CA ASP B 21 -25.07 30.85 16.82
C ASP B 21 -23.66 30.25 16.55
N ALA B 22 -22.77 31.13 16.09
CA ALA B 22 -21.39 30.79 15.65
C ALA B 22 -20.47 30.36 16.80
N PHE B 23 -20.74 30.82 18.00
CA PHE B 23 -19.93 30.43 19.14
C PHE B 23 -20.55 29.31 19.97
N PHE B 24 -21.79 28.91 19.65
CA PHE B 24 -22.45 27.71 20.25
C PHE B 24 -21.68 26.42 19.81
N PRO B 25 -20.83 25.83 20.73
CA PRO B 25 -19.83 24.71 20.60
C PRO B 25 -20.24 23.32 20.03
N PRO B 26 -21.55 23.03 19.97
CA PRO B 26 -21.94 22.03 19.00
C PRO B 26 -21.37 22.30 17.58
N LEU B 27 -20.89 23.53 17.33
CA LEU B 27 -20.29 23.87 16.03
C LEU B 27 -19.03 23.10 15.68
N HIS B 28 -17.99 23.19 16.53
CA HIS B 28 -16.73 22.50 16.28
C HIS B 28 -17.01 21.01 16.21
N GLN B 29 -17.96 20.52 17.02
CA GLN B 29 -18.26 19.09 17.06
C GLN B 29 -18.85 18.56 15.76
N PHE B 30 -19.78 19.32 15.18
CA PHE B 30 -20.37 18.95 13.90
C PHE B 30 -19.28 18.95 12.80
N CYS B 31 -18.46 20.00 12.76
CA CYS B 31 -17.50 20.11 11.68
C CYS B 31 -16.44 19.04 11.75
N THR B 32 -15.99 18.70 12.96
CA THR B 32 -14.91 17.72 13.13
C THR B 32 -15.38 16.29 13.23
N ASN B 33 -16.69 16.05 13.14
CA ASN B 33 -17.25 14.72 13.14
C ASN B 33 -16.88 14.03 11.86
N PRO B 34 -16.14 12.90 11.94
CA PRO B 34 -15.71 12.29 10.67
C PRO B 34 -16.86 11.84 9.77
N LYS B 35 -18.07 11.69 10.31
CA LYS B 35 -19.19 11.30 9.49
C LYS B 35 -19.62 12.46 8.54
N ASN B 36 -19.19 13.67 8.84
CA ASN B 36 -19.38 14.83 7.93
C ASN B 36 -18.14 15.14 7.12
N PRO B 37 -18.10 14.69 5.85
CA PRO B 37 -16.87 14.87 5.09
C PRO B 37 -16.57 16.32 4.80
N VAL B 38 -17.61 17.14 4.87
CA VAL B 38 -17.54 18.58 4.59
C VAL B 38 -18.70 19.14 5.36
N THR B 39 -18.55 20.38 5.83
CA THR B 39 -19.64 21.12 6.45
C THR B 39 -19.67 22.52 5.80
N VAL B 40 -20.85 22.98 5.36
CA VAL B 40 -20.94 24.36 4.88
C VAL B 40 -21.67 25.16 5.95
N ILE B 41 -21.06 26.25 6.39
CA ILE B 41 -21.59 27.12 7.42
C ILE B 41 -22.13 28.35 6.70
N ARG B 42 -23.45 28.32 6.50
CA ARG B 42 -24.14 29.28 5.67
C ARG B 42 -24.32 30.53 6.48
N GLY B 43 -24.06 31.68 5.88
CA GLY B 43 -24.27 32.97 6.55
C GLY B 43 -23.24 33.29 7.60
N LEU B 44 -22.09 32.63 7.53
CA LEU B 44 -21.07 32.83 8.57
C LEU B 44 -20.52 34.27 8.68
N ALA B 45 -20.07 34.85 7.57
CA ALA B 45 -19.48 36.20 7.66
C ALA B 45 -20.50 37.22 8.17
N GLY B 46 -21.73 37.14 7.69
CA GLY B 46 -22.78 38.11 8.12
C GLY B 46 -23.13 37.99 9.59
N ALA B 47 -23.13 36.76 10.07
CA ALA B 47 -23.39 36.48 11.50
C ALA B 47 -22.34 37.09 12.42
N LEU B 48 -21.06 37.03 12.01
CA LEU B 48 -19.95 37.59 12.79
C LEU B 48 -19.66 39.05 12.47
N LYS B 49 -20.38 39.60 11.49
CA LYS B 49 -20.10 40.94 10.98
C LYS B 49 -18.66 40.97 10.56
N LEU B 50 -18.27 39.95 9.83
CA LEU B 50 -16.98 39.96 9.16
C LEU B 50 -16.99 40.88 7.96
N ASP B 51 -16.00 41.74 7.91
CA ASP B 51 -15.89 42.68 6.80
C ASP B 51 -15.17 42.02 5.64
N LEU B 52 -15.97 41.44 4.72
CA LEU B 52 -15.44 40.78 3.50
C LEU B 52 -14.81 41.78 2.56
N GLY B 53 -15.22 43.02 2.67
CA GLY B 53 -14.68 44.10 1.87
C GLY B 53 -13.18 44.23 2.02
N LEU B 54 -12.63 43.77 3.14
CA LEU B 54 -11.18 43.90 3.35
C LEU B 54 -10.42 42.98 2.38
N PHE B 55 -11.15 42.08 1.70
CA PHE B 55 -10.57 41.14 0.71
C PHE B 55 -11.15 41.34 -0.70
N SER B 56 -11.87 42.44 -0.94
CA SER B 56 -12.35 42.75 -2.30
C SER B 56 -11.13 43.00 -3.13
N THR B 57 -11.28 42.80 -4.44
CA THR B 57 -10.18 43.14 -5.32
C THR B 57 -9.75 44.60 -5.25
N LYS B 58 -10.71 45.55 -5.11
CA LYS B 58 -10.35 46.95 -4.99
C LYS B 58 -9.41 47.20 -3.78
N THR B 59 -9.73 46.63 -2.63
CA THR B 59 -8.98 46.78 -1.40
C THR B 59 -7.64 46.12 -1.52
N LEU B 60 -7.59 44.96 -2.14
CA LEU B 60 -6.29 44.25 -2.28
C LEU B 60 -5.31 45.05 -3.15
N VAL B 61 -5.79 45.54 -4.28
CA VAL B 61 -4.99 46.38 -5.18
C VAL B 61 -4.46 47.60 -4.47
N GLU B 62 -5.29 48.23 -3.66
CA GLU B 62 -4.82 49.42 -2.90
C GLU B 62 -3.70 49.06 -1.92
N ALA B 63 -3.84 47.92 -1.30
CA ALA B 63 -2.93 47.53 -0.23
C ALA B 63 -1.57 47.07 -0.77
N ASN B 64 -1.54 46.20 -1.76
CA ASN B 64 -0.26 45.61 -2.22
C ASN B 64 -0.37 45.31 -3.72
N ASN B 65 -0.34 46.37 -4.53
CA ASN B 65 -0.72 46.21 -5.93
C ASN B 65 0.29 45.33 -6.68
N GLU B 66 1.56 45.31 -6.25
CA GLU B 66 2.59 44.40 -6.89
C GLU B 66 2.76 43.04 -6.29
N HIS B 67 1.87 42.62 -5.40
CA HIS B 67 2.02 41.30 -4.76
C HIS B 67 1.86 40.18 -5.78
N MET B 68 2.66 39.12 -5.65
CA MET B 68 2.67 38.03 -6.64
C MET B 68 1.39 37.24 -6.57
N VAL B 69 0.94 36.83 -7.75
CA VAL B 69 -0.18 35.96 -7.93
C VAL B 69 0.31 34.83 -8.81
N GLU B 70 0.07 33.58 -8.40
CA GLU B 70 0.31 32.45 -9.29
C GLU B 70 -0.89 32.22 -10.23
N VAL B 71 -0.69 32.34 -11.53
CA VAL B 71 -1.74 32.15 -12.49
C VAL B 71 -1.81 30.73 -13.05
N ARG B 72 -3.00 30.15 -13.06
CA ARG B 72 -3.23 28.98 -13.87
C ARG B 72 -4.09 29.39 -15.07
N THR B 73 -3.60 29.13 -16.31
CA THR B 73 -4.32 29.38 -17.53
C THR B 73 -4.96 28.08 -17.88
N GLN B 74 -6.28 28.09 -17.99
CA GLN B 74 -7.07 26.87 -18.14
C GLN B 74 -8.08 27.07 -19.27
N LEU B 75 -8.58 25.96 -19.79
CA LEU B 75 -9.72 26.01 -20.70
C LEU B 75 -11.01 26.10 -19.91
N LEU B 76 -11.95 26.91 -20.45
CA LEU B 76 -13.31 27.02 -19.90
C LEU B 76 -14.12 25.79 -20.30
N GLN B 77 -14.52 25.01 -19.29
CA GLN B 77 -15.20 23.77 -19.47
C GLN B 77 -16.67 23.93 -19.10
N PRO B 78 -17.51 23.12 -19.73
CA PRO B 78 -18.93 23.28 -19.53
C PRO B 78 -19.40 22.61 -18.25
N ALA B 79 -20.20 23.34 -17.47
CA ALA B 79 -20.92 22.77 -16.32
C ALA B 79 -19.95 22.08 -15.39
N ASP B 80 -20.20 20.80 -15.16
CA ASP B 80 -19.46 20.01 -14.20
C ASP B 80 -18.50 19.02 -14.86
N GLU B 81 -18.32 19.20 -16.17
CA GLU B 81 -17.57 18.30 -17.05
C GLU B 81 -16.15 18.79 -17.34
N ASN B 82 -15.33 17.85 -17.84
CA ASN B 82 -13.98 18.13 -18.41
C ASN B 82 -13.73 17.30 -19.64
N TRP B 83 -13.48 18.00 -20.73
CA TRP B 83 -13.27 17.39 -22.03
C TRP B 83 -11.81 17.52 -22.43
N ASP B 84 -11.36 16.56 -23.22
CA ASP B 84 -10.02 16.69 -23.85
C ASP B 84 -9.98 17.97 -24.71
N PRO B 85 -8.80 18.43 -25.07
CA PRO B 85 -8.83 19.76 -25.70
C PRO B 85 -9.50 19.78 -27.06
N THR B 86 -9.68 18.61 -27.67
CA THR B 86 -10.33 18.53 -28.99
C THR B 86 -11.86 18.54 -28.86
N GLY B 87 -12.36 18.38 -27.62
CA GLY B 87 -13.79 18.41 -27.37
C GLY B 87 -14.48 17.14 -27.81
N THR B 88 -13.70 16.06 -27.88
CA THR B 88 -14.19 14.77 -28.38
C THR B 88 -14.67 13.83 -27.28
N LYS B 89 -14.00 13.77 -26.14
CA LYS B 89 -14.48 12.89 -25.07
C LYS B 89 -14.17 13.50 -23.70
N LYS B 90 -14.94 13.05 -22.72
CA LYS B 90 -14.70 13.47 -21.34
C LYS B 90 -13.57 12.64 -20.76
N ILE B 91 -12.59 13.31 -20.20
CA ILE B 91 -11.46 12.67 -19.54
C ILE B 91 -11.20 13.39 -18.21
N TRP B 92 -10.45 12.76 -17.32
CA TRP B 92 -10.11 13.37 -16.07
C TRP B 92 -8.95 14.37 -16.18
N ARG B 93 -7.98 14.11 -17.04
CA ARG B 93 -6.79 14.96 -17.09
C ARG B 93 -7.18 16.36 -17.50
N CYS B 94 -6.66 17.37 -16.78
CA CYS B 94 -6.88 18.72 -17.25
C CYS B 94 -5.61 19.53 -17.51
N GLU B 95 -5.72 20.44 -18.47
CA GLU B 95 -4.55 21.11 -19.05
C GLU B 95 -4.50 22.40 -18.31
N SER B 96 -3.36 22.74 -17.70
CA SER B 96 -3.12 24.14 -17.28
C SER B 96 -1.66 24.55 -17.48
N ASN B 97 -1.42 25.80 -17.78
CA ASN B 97 -0.08 26.40 -17.87
C ASN B 97 0.06 27.32 -16.70
N ARG B 98 1.27 27.42 -16.18
CA ARG B 98 1.52 28.16 -14.96
C ARG B 98 2.36 29.37 -15.29
N SER B 99 2.06 30.47 -14.63
CA SER B 99 2.80 31.72 -14.83
C SER B 99 2.60 32.58 -13.57
N HIS B 100 3.22 33.74 -13.52
CA HIS B 100 3.01 34.66 -12.42
C HIS B 100 2.48 36.00 -12.94
N THR B 101 1.76 36.73 -12.08
CA THR B 101 1.39 38.11 -12.37
C THR B 101 1.32 38.84 -11.05
N THR B 102 0.70 40.02 -11.03
CA THR B 102 0.58 40.79 -9.80
C THR B 102 -0.91 40.97 -9.51
N ILE B 103 -1.20 41.31 -8.27
CA ILE B 103 -2.57 41.64 -7.88
C ILE B 103 -3.19 42.69 -8.81
N ALA B 104 -2.46 43.79 -9.04
CA ALA B 104 -2.94 44.81 -9.96
C ALA B 104 -3.26 44.24 -11.35
N LYS B 105 -2.40 43.40 -11.90
CA LYS B 105 -2.59 43.00 -13.25
C LYS B 105 -3.74 41.97 -13.33
N TYR B 106 -3.81 41.08 -12.35
CA TYR B 106 -4.92 40.14 -12.31
C TYR B 106 -6.28 40.89 -12.16
N ALA B 107 -6.31 41.89 -11.29
CA ALA B 107 -7.55 42.68 -11.03
C ALA B 107 -8.06 43.31 -12.35
N GLN B 108 -7.14 43.88 -13.09
CA GLN B 108 -7.48 44.40 -14.35
C GLN B 108 -8.18 43.37 -15.26
N TYR B 109 -7.72 42.10 -15.26
CA TYR B 109 -8.29 41.02 -16.07
C TYR B 109 -9.62 40.58 -15.48
N GLN B 110 -9.68 40.51 -14.16
CA GLN B 110 -10.91 40.10 -13.51
C GLN B 110 -12.05 41.06 -13.88
N ALA B 111 -11.76 42.37 -13.83
CA ALA B 111 -12.73 43.44 -14.17
C ALA B 111 -13.04 43.47 -15.65
N SER B 112 -12.04 43.36 -16.52
CA SER B 112 -12.29 43.42 -17.94
C SER B 112 -13.06 42.19 -18.40
N SER B 113 -12.77 41.02 -17.83
CA SER B 113 -13.56 39.82 -18.23
C SER B 113 -15.04 39.99 -17.85
N PHE B 114 -15.31 40.62 -16.71
CA PHE B 114 -16.70 40.91 -16.33
C PHE B 114 -17.30 41.88 -17.35
N GLN B 115 -16.60 42.96 -17.67
CA GLN B 115 -17.14 43.93 -18.67
C GLN B 115 -17.40 43.27 -19.98
N GLU B 116 -16.47 42.45 -20.45
CA GLU B 116 -16.69 41.68 -21.66
C GLU B 116 -17.97 40.82 -21.63
N SER B 117 -18.24 40.16 -20.48
CA SER B 117 -19.44 39.32 -20.35
CA SER B 117 -19.44 39.33 -20.34
C SER B 117 -20.69 40.18 -20.46
N LEU B 118 -20.60 41.39 -19.93
CA LEU B 118 -21.80 42.32 -20.00
C LEU B 118 -22.07 42.71 -21.45
N ARG B 119 -21.00 43.07 -22.17
CA ARG B 119 -21.14 43.40 -23.60
C ARG B 119 -21.69 42.22 -24.43
N GLU B 120 -21.23 41.00 -24.14
CA GLU B 120 -21.77 39.77 -24.77
C GLU B 120 -23.27 39.59 -24.45
N GLU B 121 -23.63 39.73 -23.18
CA GLU B 121 -25.03 39.48 -22.76
C GLU B 121 -25.95 40.48 -23.39
N ASN B 122 -25.36 41.57 -23.83
CA ASN B 122 -26.05 42.48 -24.68
C ASN B 122 -25.64 42.60 -26.19
N GLU B 123 -25.61 41.48 -26.92
CA GLU B 123 -25.44 41.52 -28.37
C GLU B 123 -26.28 40.41 -28.94
N PHE B 150 -12.28 25.63 -27.11
CA PHE B 150 -12.73 26.21 -25.85
C PHE B 150 -11.99 27.55 -25.65
N LYS B 151 -12.64 28.48 -24.93
CA LYS B 151 -12.00 29.70 -24.52
C LYS B 151 -10.98 29.37 -23.44
N THR B 152 -10.01 30.26 -23.29
CA THR B 152 -9.03 30.22 -22.24
C THR B 152 -9.39 31.21 -21.18
N ILE B 153 -9.20 30.83 -19.91
CA ILE B 153 -9.31 31.75 -18.80
C ILE B 153 -8.08 31.71 -17.87
N LYS B 154 -7.96 32.70 -17.02
CA LYS B 154 -6.89 32.75 -16.05
C LYS B 154 -7.43 32.83 -14.64
N PHE B 155 -6.81 32.02 -13.77
CA PHE B 155 -7.18 31.82 -12.38
C PHE B 155 -6.01 32.27 -11.50
N GLY B 156 -6.22 33.27 -10.64
CA GLY B 156 -5.23 33.75 -9.73
C GLY B 156 -5.25 32.91 -8.46
N THR B 157 -4.20 32.10 -8.30
CA THR B 157 -4.14 31.21 -7.21
C THR B 157 -2.96 31.49 -6.25
N ASN B 158 -3.08 30.95 -5.06
CA ASN B 158 -1.97 30.85 -4.15
C ASN B 158 -1.33 32.14 -3.78
N ILE B 159 -2.15 33.16 -3.51
CA ILE B 159 -1.62 34.47 -3.14
C ILE B 159 -1.31 34.47 -1.63
N ASP B 160 -0.05 34.80 -1.30
CA ASP B 160 0.47 34.59 0.05
C ASP B 160 0.12 35.80 0.92
N LEU B 161 -0.82 35.64 1.82
CA LEU B 161 -1.11 36.68 2.81
C LEU B 161 -0.47 36.42 4.21
N SER B 162 0.76 35.88 4.22
CA SER B 162 1.42 35.60 5.46
C SER B 162 2.00 36.86 6.16
N ASP B 163 2.27 37.92 5.43
CA ASP B 163 3.04 39.03 6.02
C ASP B 163 2.10 39.99 6.74
N ASN B 164 2.16 40.00 8.08
CA ASN B 164 1.26 40.80 8.90
C ASN B 164 1.44 42.30 8.70
N LYS B 165 2.59 42.70 8.21
CA LYS B 165 2.87 44.10 7.99
C LYS B 165 2.16 44.57 6.77
N LYS B 166 1.99 43.69 5.81
CA LYS B 166 1.30 44.02 4.59
C LYS B 166 -0.22 43.82 4.59
N TRP B 167 -0.68 42.97 5.51
CA TRP B 167 -2.07 42.50 5.54
C TRP B 167 -2.68 42.60 6.95
N LYS B 168 -2.23 43.60 7.69
CA LYS B 168 -2.59 43.70 9.08
C LYS B 168 -4.14 43.64 9.31
N LEU B 169 -4.89 44.48 8.62
CA LEU B 169 -6.34 44.58 8.88
C LEU B 169 -7.05 43.32 8.40
N GLN B 170 -6.60 42.78 7.26
CA GLN B 170 -7.15 41.52 6.74
C GLN B 170 -6.96 40.41 7.77
N LEU B 171 -5.76 40.26 8.33
CA LEU B 171 -5.48 39.17 9.24
C LEU B 171 -6.19 39.35 10.60
N HIS B 172 -6.26 40.59 11.07
CA HIS B 172 -7.00 40.90 12.27
C HIS B 172 -8.45 40.48 12.15
N GLU B 173 -9.06 40.76 11.00
CA GLU B 173 -10.45 40.41 10.80
C GLU B 173 -10.73 38.93 11.02
N LEU B 174 -9.80 38.07 10.67
CA LEU B 174 -10.04 36.65 10.80
C LEU B 174 -9.89 36.15 12.25
N THR B 175 -9.39 36.99 13.16
CA THR B 175 -9.37 36.63 14.58
C THR B 175 -10.78 36.64 15.19
N LYS B 176 -11.75 37.11 14.41
CA LYS B 176 -13.13 37.16 14.83
C LYS B 176 -13.83 35.81 14.74
N LEU B 177 -13.23 34.90 13.99
CA LEU B 177 -13.73 33.56 13.84
C LEU B 177 -13.69 32.80 15.19
N PRO B 178 -14.59 31.81 15.31
CA PRO B 178 -14.48 30.95 16.45
C PRO B 178 -13.14 30.19 16.42
N ALA B 179 -12.63 29.92 17.61
CA ALA B 179 -11.29 29.39 17.84
C ALA B 179 -11.00 28.20 16.94
N PHE B 180 -11.96 27.29 16.80
CA PHE B 180 -11.65 26.00 16.13
C PHE B 180 -11.31 26.21 14.67
N ALA B 181 -11.73 27.35 14.11
CA ALA B 181 -11.53 27.70 12.70
C ALA B 181 -10.41 28.69 12.45
N ARG B 182 -9.79 29.19 13.49
CA ARG B 182 -8.82 30.26 13.31
C ARG B 182 -7.52 29.73 12.73
N VAL B 183 -6.77 30.62 12.09
CA VAL B 183 -5.43 30.33 11.60
C VAL B 183 -4.49 29.92 12.72
N VAL B 184 -4.65 30.62 13.84
CA VAL B 184 -3.82 30.39 14.97
C VAL B 184 -4.69 30.12 16.18
N SER B 185 -4.49 28.97 16.83
CA SER B 185 -5.19 28.67 18.07
C SER B 185 -4.52 27.55 18.82
N ALA B 186 -4.69 27.56 20.15
CA ALA B 186 -4.10 26.54 21.00
C ALA B 186 -4.62 25.15 20.66
N GLY B 187 -5.82 25.08 20.11
CA GLY B 187 -6.40 23.79 19.68
C GLY B 187 -6.13 23.37 18.24
N ASN B 188 -5.15 24.00 17.61
CA ASN B 188 -4.82 23.68 16.23
C ASN B 188 -3.43 23.09 16.19
N LEU B 189 -3.32 21.88 15.67
CA LEU B 189 -1.99 21.23 15.62
C LEU B 189 -1.00 22.06 14.85
N LEU B 190 -1.45 22.80 13.84
CA LEU B 190 -0.52 23.55 13.01
C LEU B 190 0.08 24.72 13.76
N THR B 191 -0.60 25.18 14.80
CA THR B 191 -0.03 26.20 15.68
C THR B 191 1.11 25.61 16.52
N HIS B 192 1.05 24.31 16.80
CA HIS B 192 2.09 23.63 17.54
C HIS B 192 3.32 23.20 16.78
N VAL B 193 3.27 23.30 15.46
CA VAL B 193 4.43 23.00 14.67
C VAL B 193 5.56 23.92 15.13
N GLY B 194 5.23 25.19 15.39
CA GLY B 194 6.18 26.17 15.91
C GLY B 194 6.95 26.92 14.83
N HIS B 195 6.57 26.80 13.56
CA HIS B 195 7.14 27.65 12.53
C HIS B 195 6.14 27.67 11.37
N THR B 196 6.38 28.56 10.42
CA THR B 196 5.49 28.72 9.28
C THR B 196 5.52 27.57 8.32
N ILE B 197 4.35 27.13 7.93
CA ILE B 197 4.16 26.26 6.82
C ILE B 197 3.22 26.98 5.89
N LEU B 198 3.79 27.47 4.80
CA LEU B 198 3.10 28.46 3.96
C LEU B 198 1.80 27.94 3.38
N GLY B 199 0.73 28.70 3.53
CA GLY B 199 -0.55 28.28 3.02
C GLY B 199 -1.30 27.33 3.92
N MET B 200 -0.66 26.85 4.97
CA MET B 200 -1.34 25.94 5.91
C MET B 200 -1.63 26.68 7.19
N ASN B 201 -0.58 27.16 7.87
CA ASN B 201 -0.79 28.04 9.01
C ASN B 201 -0.55 29.50 8.67
N THR B 202 -0.64 29.80 7.39
CA THR B 202 -0.82 31.17 6.91
C THR B 202 -1.90 31.16 5.85
N VAL B 203 -2.51 32.33 5.65
CA VAL B 203 -3.62 32.49 4.75
C VAL B 203 -3.22 32.59 3.28
N GLN B 204 -3.95 31.84 2.44
CA GLN B 204 -3.89 31.92 1.00
C GLN B 204 -5.11 32.61 0.42
N LEU B 205 -4.91 33.43 -0.61
CA LEU B 205 -5.99 34.09 -1.29
C LEU B 205 -6.07 33.66 -2.72
N TYR B 206 -7.29 33.63 -3.26
CA TYR B 206 -7.59 33.22 -4.63
C TYR B 206 -8.46 34.29 -5.27
N MET B 207 -8.12 34.67 -6.49
CA MET B 207 -8.90 35.62 -7.28
C MET B 207 -9.34 34.91 -8.52
N LYS B 208 -10.67 34.95 -8.77
CA LYS B 208 -11.26 34.12 -9.78
C LYS B 208 -12.15 34.82 -10.78
N VAL B 209 -12.24 34.17 -11.94
CA VAL B 209 -13.26 34.43 -12.93
C VAL B 209 -14.07 33.13 -13.14
N PRO B 210 -15.27 33.23 -13.76
CA PRO B 210 -16.04 32.03 -13.96
C PRO B 210 -15.28 30.95 -14.68
N GLY B 211 -15.38 29.72 -14.18
CA GLY B 211 -14.63 28.64 -14.82
C GLY B 211 -13.30 28.34 -14.13
N SER B 212 -12.85 29.19 -13.20
CA SER B 212 -11.58 28.96 -12.49
C SER B 212 -11.69 27.73 -11.64
N ARG B 213 -10.89 26.71 -11.96
CA ARG B 213 -10.99 25.45 -11.31
C ARG B 213 -9.80 25.10 -10.44
N THR B 214 -10.14 24.50 -9.33
CA THR B 214 -9.18 23.84 -8.46
C THR B 214 -9.39 22.35 -8.61
N PRO B 215 -8.42 21.64 -9.21
CA PRO B 215 -8.70 20.22 -9.53
C PRO B 215 -8.60 19.32 -8.31
N GLY B 216 -8.86 18.04 -8.49
CA GLY B 216 -9.11 17.21 -7.38
C GLY B 216 -7.89 16.92 -6.54
N HIS B 217 -8.10 16.90 -5.24
CA HIS B 217 -6.99 16.72 -4.31
C HIS B 217 -7.47 16.40 -2.96
N GLN B 218 -6.53 15.95 -2.14
CA GLN B 218 -6.65 15.99 -0.71
C GLN B 218 -5.67 17.06 -0.19
N GLU B 219 -5.93 17.56 1.01
CA GLU B 219 -5.08 18.58 1.61
C GLU B 219 -3.69 17.92 1.93
N ASN B 220 -2.72 18.80 2.11
CA ASN B 220 -1.40 18.41 2.57
C ASN B 220 -1.53 17.69 3.87
N ASN B 221 -0.93 16.48 3.91
CA ASN B 221 -0.98 15.61 5.11
C ASN B 221 -2.39 15.43 5.69
N ASN B 222 -3.39 15.51 4.82
CA ASN B 222 -4.76 15.30 5.22
C ASN B 222 -5.28 16.21 6.34
N PHE B 223 -4.73 17.40 6.46
CA PHE B 223 -5.22 18.39 7.42
C PHE B 223 -6.55 18.97 6.93
N CYS B 224 -7.42 19.25 7.88
CA CYS B 224 -8.67 19.96 7.62
C CYS B 224 -8.37 21.32 6.98
N SER B 225 -9.36 21.86 6.25
CA SER B 225 -9.24 23.14 5.55
C SER B 225 -10.46 24.03 5.90
N VAL B 226 -10.25 25.34 5.87
CA VAL B 226 -11.26 26.36 5.95
C VAL B 226 -11.19 27.21 4.68
N ASN B 227 -12.34 27.51 4.10
CA ASN B 227 -12.42 28.36 2.93
C ASN B 227 -13.61 29.30 3.05
N ILE B 228 -13.35 30.58 2.88
CA ILE B 228 -14.45 31.58 2.87
C ILE B 228 -14.52 32.27 1.53
N ASN B 229 -15.72 32.29 0.95
CA ASN B 229 -15.97 32.96 -0.31
C ASN B 229 -16.18 34.44 0.02
N ILE B 230 -15.37 35.29 -0.60
CA ILE B 230 -15.47 36.73 -0.46
C ILE B 230 -16.60 37.29 -1.34
N GLY B 231 -16.93 36.58 -2.41
CA GLY B 231 -17.85 37.07 -3.42
C GLY B 231 -17.19 38.02 -4.45
N PRO B 232 -18.01 38.65 -5.30
CA PRO B 232 -19.49 38.67 -5.17
C PRO B 232 -20.19 37.45 -5.75
N GLY B 233 -19.52 36.65 -6.55
CA GLY B 233 -20.11 35.42 -7.10
C GLY B 233 -19.92 34.17 -6.23
N ASP B 234 -20.40 33.07 -6.74
CA ASP B 234 -20.46 31.82 -6.03
C ASP B 234 -19.38 30.87 -6.54
N CYS B 235 -19.09 29.88 -5.71
CA CYS B 235 -18.25 28.74 -6.12
C CYS B 235 -19.09 27.48 -5.97
N GLU B 236 -18.78 26.49 -6.80
CA GLU B 236 -19.41 25.18 -6.74
C GLU B 236 -18.36 24.13 -6.31
N TRP B 237 -18.70 23.36 -5.30
CA TRP B 237 -17.80 22.39 -4.65
C TRP B 237 -18.27 21.01 -4.93
N PHE B 238 -17.32 20.10 -5.11
CA PHE B 238 -17.60 18.69 -5.31
C PHE B 238 -16.72 17.98 -4.29
N VAL B 239 -17.33 17.09 -3.49
CA VAL B 239 -16.66 16.43 -2.38
C VAL B 239 -16.94 14.94 -2.33
N VAL B 240 -15.89 14.17 -1.99
CA VAL B 240 -15.96 12.69 -1.88
C VAL B 240 -15.35 12.36 -0.51
N PRO B 241 -15.99 11.47 0.26
CA PRO B 241 -15.43 11.20 1.59
C PRO B 241 -14.05 10.51 1.50
N GLU B 242 -13.25 10.73 2.53
CA GLU B 242 -11.89 10.16 2.66
C GLU B 242 -11.87 8.69 2.41
N ASP B 243 -12.84 7.95 2.93
CA ASP B 243 -12.75 6.47 2.82
C ASP B 243 -12.87 5.94 1.39
N TYR B 244 -13.19 6.81 0.41
CA TYR B 244 -13.27 6.46 -0.99
C TYR B 244 -12.04 6.87 -1.76
N TRP B 245 -11.01 7.44 -1.10
CA TRP B 245 -9.91 8.01 -1.86
C TRP B 245 -9.15 6.93 -2.68
N GLY B 246 -9.14 5.71 -2.16
CA GLY B 246 -8.48 4.59 -2.80
C GLY B 246 -9.07 4.26 -4.15
N VAL B 247 -10.39 4.44 -4.25
CA VAL B 247 -11.11 4.25 -5.53
C VAL B 247 -10.65 5.28 -6.54
N LEU B 248 -10.54 6.54 -6.14
CA LEU B 248 -10.06 7.57 -7.09
C LEU B 248 -8.54 7.37 -7.44
N ASN B 249 -7.75 7.00 -6.44
CA ASN B 249 -6.34 6.70 -6.65
C ASN B 249 -6.22 5.56 -7.64
N ASP B 250 -7.09 4.57 -7.50
CA ASP B 250 -7.11 3.45 -8.43
C ASP B 250 -7.45 3.88 -9.85
N PHE B 251 -8.38 4.80 -10.00
CA PHE B 251 -8.69 5.29 -11.32
C PHE B 251 -7.49 5.97 -11.91
N CYS B 252 -6.86 6.83 -11.13
CA CYS B 252 -5.70 7.54 -11.58
C CYS B 252 -4.62 6.58 -12.06
N GLU B 253 -4.30 5.57 -11.27
CA GLU B 253 -3.21 4.59 -11.59
C GLU B 253 -3.42 3.89 -12.90
N LYS B 254 -4.69 3.72 -13.23
CA LYS B 254 -5.12 3.04 -14.45
C LYS B 254 -5.32 3.92 -15.61
N ASN B 255 -5.12 5.22 -15.44
CA ASN B 255 -5.32 6.17 -16.50
C ASN B 255 -4.17 7.11 -16.62
N ASN B 256 -3.01 6.63 -16.19
CA ASN B 256 -1.80 7.39 -16.32
C ASN B 256 -1.83 8.78 -15.68
N LEU B 257 -2.37 8.86 -14.47
CA LEU B 257 -2.37 10.10 -13.69
C LEU B 257 -1.74 9.84 -12.34
N ASN B 258 -1.03 10.82 -11.83
CA ASN B 258 -0.52 10.75 -10.50
C ASN B 258 -1.57 11.42 -9.62
N PHE B 259 -2.14 10.68 -8.68
CA PHE B 259 -3.22 11.18 -7.88
C PHE B 259 -2.83 12.48 -7.15
N LEU B 260 -1.65 12.45 -6.52
CA LEU B 260 -1.18 13.50 -5.63
C LEU B 260 -0.64 14.69 -6.41
N MET B 261 -0.15 14.48 -7.62
CA MET B 261 0.68 15.45 -8.31
C MET B 261 0.12 15.89 -9.66
N SER B 262 -0.75 15.09 -10.28
CA SER B 262 -1.36 15.50 -11.56
C SER B 262 -2.61 16.39 -11.30
N SER B 263 -2.98 17.20 -12.31
CA SER B 263 -4.27 17.88 -12.36
C SER B 263 -5.35 17.03 -12.99
N TRP B 264 -6.38 16.72 -12.22
CA TRP B 264 -7.49 15.97 -12.74
C TRP B 264 -8.85 16.50 -12.23
N TRP B 265 -9.87 16.33 -13.06
CA TRP B 265 -11.25 16.82 -12.78
C TRP B 265 -12.12 15.61 -13.01
N PRO B 266 -12.60 14.98 -11.95
CA PRO B 266 -13.36 13.74 -12.15
C PRO B 266 -14.62 13.85 -13.02
N ASN B 267 -14.86 12.80 -13.80
CA ASN B 267 -16.07 12.64 -14.59
C ASN B 267 -17.09 12.01 -13.63
N LEU B 268 -18.15 12.75 -13.31
CA LEU B 268 -19.12 12.27 -12.37
C LEU B 268 -19.79 10.96 -12.75
N GLU B 269 -19.89 10.67 -14.04
CA GLU B 269 -20.44 9.40 -14.52
C GLU B 269 -19.58 8.22 -14.10
N ASP B 270 -18.27 8.41 -14.18
CA ASP B 270 -17.28 7.40 -13.71
C ASP B 270 -17.43 7.14 -12.20
N LEU B 271 -17.64 8.20 -11.44
CA LEU B 271 -17.78 8.03 -10.01
C LEU B 271 -19.11 7.37 -9.68
N TYR B 272 -20.16 7.78 -10.37
CA TYR B 272 -21.45 7.17 -10.17
C TYR B 272 -21.41 5.68 -10.50
N GLU B 273 -20.74 5.33 -11.59
CA GLU B 273 -20.64 3.92 -12.06
C GLU B 273 -19.85 3.08 -11.02
N ALA B 274 -18.89 3.76 -10.37
CA ALA B 274 -18.04 3.13 -9.39
C ALA B 274 -18.62 3.18 -7.99
N ASN B 275 -19.88 3.64 -7.86
CA ASN B 275 -20.55 3.66 -6.59
C ASN B 275 -19.90 4.62 -5.58
N VAL B 276 -19.39 5.74 -6.05
CA VAL B 276 -18.76 6.70 -5.17
C VAL B 276 -19.72 7.86 -4.96
N PRO B 277 -20.11 8.16 -3.71
CA PRO B 277 -21.00 9.32 -3.51
C PRO B 277 -20.29 10.66 -3.67
N VAL B 278 -20.98 11.63 -4.24
CA VAL B 278 -20.41 12.95 -4.48
C VAL B 278 -21.37 13.96 -3.87
N TYR B 279 -20.83 14.68 -2.92
CA TYR B 279 -21.47 15.80 -2.28
C TYR B 279 -21.23 17.03 -3.11
N ARG B 280 -22.28 17.74 -3.49
CA ARG B 280 -22.08 18.94 -4.28
C ARG B 280 -22.95 20.08 -3.83
N PHE B 281 -22.42 21.28 -3.91
CA PHE B 281 -23.09 22.40 -3.27
C PHE B 281 -22.53 23.70 -3.76
N ILE B 282 -23.26 24.76 -3.49
CA ILE B 282 -22.85 26.10 -3.88
C ILE B 282 -22.45 26.81 -2.63
N GLN B 283 -21.29 27.45 -2.67
CA GLN B 283 -20.77 28.29 -1.60
C GLN B 283 -20.96 29.73 -2.01
N ARG B 284 -21.83 30.39 -1.30
CA ARG B 284 -22.15 31.76 -1.58
C ARG B 284 -21.22 32.67 -0.79
N PRO B 285 -21.20 33.95 -1.14
CA PRO B 285 -20.36 34.91 -0.43
C PRO B 285 -20.67 34.95 1.06
N GLY B 286 -19.63 34.81 1.87
CA GLY B 286 -19.72 34.72 3.31
C GLY B 286 -19.98 33.33 3.91
N ASP B 287 -20.19 32.33 3.06
CA ASP B 287 -20.27 30.93 3.52
C ASP B 287 -18.85 30.40 3.75
N LEU B 288 -18.65 29.74 4.89
CA LEU B 288 -17.43 29.05 5.24
C LEU B 288 -17.59 27.58 4.92
N VAL B 289 -16.59 27.03 4.23
CA VAL B 289 -16.55 25.61 3.94
C VAL B 289 -15.44 24.99 4.80
N TRP B 290 -15.80 23.97 5.59
CA TRP B 290 -14.88 23.22 6.43
C TRP B 290 -14.70 21.88 5.75
N ILE B 291 -13.50 21.59 5.32
CA ILE B 291 -13.16 20.34 4.69
C ILE B 291 -12.53 19.45 5.77
N ASN B 292 -13.16 18.31 6.05
CA ASN B 292 -12.69 17.40 7.07
C ASN B 292 -11.44 16.64 6.60
N ALA B 293 -10.80 15.95 7.53
CA ALA B 293 -9.49 15.29 7.26
C ALA B 293 -9.55 14.25 6.16
N GLY B 294 -8.78 14.51 5.13
CA GLY B 294 -8.66 13.62 3.99
C GLY B 294 -9.80 13.62 2.98
N THR B 295 -10.77 14.51 3.14
CA THR B 295 -11.84 14.62 2.16
C THR B 295 -11.32 15.05 0.82
N VAL B 296 -11.71 14.30 -0.21
CA VAL B 296 -11.29 14.58 -1.54
C VAL B 296 -12.25 15.62 -2.12
N HIS B 297 -11.70 16.63 -2.77
CA HIS B 297 -12.52 17.73 -3.35
C HIS B 297 -11.93 18.48 -4.54
N TRP B 298 -12.83 19.14 -5.28
CA TRP B 298 -12.51 19.95 -6.42
C TRP B 298 -13.60 21.03 -6.48
N VAL B 299 -13.23 22.17 -7.06
CA VAL B 299 -13.98 23.41 -6.91
C VAL B 299 -13.91 24.23 -8.18
N GLN B 300 -15.01 24.92 -8.54
CA GLN B 300 -14.95 25.86 -9.61
C GLN B 300 -15.71 27.12 -9.25
N ALA B 301 -15.19 28.26 -9.69
CA ALA B 301 -15.94 29.52 -9.67
C ALA B 301 -17.07 29.46 -10.65
N VAL B 302 -18.26 29.85 -10.18
CA VAL B 302 -19.40 29.99 -11.05
C VAL B 302 -19.50 31.47 -11.47
N GLY B 303 -19.09 32.37 -10.59
CA GLY B 303 -19.09 33.79 -10.87
C GLY B 303 -17.68 34.37 -10.72
N TRP B 304 -17.63 35.68 -10.62
CA TRP B 304 -16.42 36.43 -10.28
C TRP B 304 -16.36 36.54 -8.77
N CYS B 305 -15.29 36.01 -8.18
CA CYS B 305 -15.15 36.07 -6.76
C CYS B 305 -13.72 35.91 -6.35
N ASN B 306 -13.46 36.25 -5.09
CA ASN B 306 -12.25 35.85 -4.42
C ASN B 306 -12.56 34.86 -3.28
N ASN B 307 -11.56 34.10 -2.89
CA ASN B 307 -11.70 33.18 -1.73
C ASN B 307 -10.44 33.32 -0.86
N ILE B 308 -10.57 33.04 0.43
CA ILE B 308 -9.47 32.87 1.33
C ILE B 308 -9.49 31.49 1.98
N ALA B 309 -8.31 30.97 2.28
CA ALA B 309 -8.24 29.60 2.79
C ALA B 309 -6.99 29.34 3.60
N TRP B 310 -7.05 28.39 4.56
CA TRP B 310 -5.91 27.93 5.35
C TRP B 310 -6.25 26.55 5.88
N ASN B 311 -5.31 25.90 6.52
CA ASN B 311 -5.53 24.61 7.12
C ASN B 311 -5.66 24.73 8.66
N VAL B 312 -6.31 23.74 9.24
CA VAL B 312 -6.40 23.57 10.67
C VAL B 312 -6.27 22.10 10.99
N GLY B 313 -5.60 21.81 12.10
CA GLY B 313 -5.54 20.47 12.61
C GLY B 313 -6.22 20.32 13.95
N PRO B 314 -7.47 19.85 13.94
CA PRO B 314 -8.09 19.56 15.23
C PRO B 314 -7.33 18.56 16.07
N LEU B 315 -7.47 18.69 17.39
CA LEU B 315 -6.84 17.78 18.33
C LEU B 315 -7.70 16.53 18.43
N THR B 316 -7.75 15.71 17.38
CA THR B 316 -8.50 14.44 17.44
C THR B 316 -7.63 13.29 17.00
N ALA B 317 -7.99 12.09 17.47
CA ALA B 317 -7.39 10.85 16.99
C ALA B 317 -7.52 10.75 15.45
N CYS B 318 -8.71 11.01 14.91
CA CYS B 318 -8.89 10.89 13.48
C CYS B 318 -7.88 11.78 12.69
N GLN B 319 -7.72 13.04 13.09
CA GLN B 319 -6.80 13.96 12.41
C GLN B 319 -5.37 13.47 12.48
N TYR B 320 -4.97 13.05 13.67
CA TYR B 320 -3.59 12.60 13.83
C TYR B 320 -3.31 11.36 13.03
N LYS B 321 -4.20 10.36 13.15
CA LYS B 321 -4.10 9.12 12.35
C LYS B 321 -3.99 9.41 10.88
N LEU B 322 -4.85 10.27 10.34
CA LEU B 322 -4.84 10.50 8.90
C LEU B 322 -3.61 11.29 8.47
N ALA B 323 -3.15 12.19 9.32
CA ALA B 323 -1.97 12.93 9.00
C ALA B 323 -0.74 11.99 8.96
N VAL B 324 -0.60 11.13 9.95
CA VAL B 324 0.48 10.13 9.94
C VAL B 324 0.41 9.18 8.77
N GLU B 325 -0.78 8.70 8.44
CA GLU B 325 -0.95 7.85 7.25
C GLU B 325 -0.45 8.52 6.00
N ARG B 326 -0.83 9.79 5.81
CA ARG B 326 -0.45 10.45 4.58
C ARG B 326 1.07 10.79 4.62
N TYR B 327 1.59 11.12 5.79
CA TYR B 327 3.04 11.29 5.95
C TYR B 327 3.84 10.05 5.48
N GLU B 328 3.35 8.88 5.86
CA GLU B 328 4.01 7.61 5.45
C GLU B 328 3.79 7.31 3.97
N TRP B 329 2.58 7.60 3.46
CA TRP B 329 2.27 7.40 2.07
C TRP B 329 3.13 8.25 1.16
N ASN B 330 3.38 9.50 1.57
CA ASN B 330 4.20 10.41 0.83
C ASN B 330 5.65 9.89 0.70
N LYS B 331 6.17 9.25 1.74
CA LYS B 331 7.49 8.62 1.60
C LYS B 331 7.51 7.55 0.50
N LEU B 332 6.47 6.73 0.44
CA LEU B 332 6.38 5.70 -0.59
C LEU B 332 6.27 6.27 -2.00
N LYS B 333 5.60 7.40 -2.15
CA LYS B 333 5.49 8.05 -3.41
C LYS B 333 6.58 9.08 -3.70
N SER B 334 7.62 9.14 -2.87
CA SER B 334 8.69 10.12 -2.97
C SER B 334 8.17 11.54 -3.13
N VAL B 335 7.20 11.90 -2.30
CA VAL B 335 6.65 13.27 -2.26
C VAL B 335 6.96 13.93 -0.92
N LYS B 336 7.38 15.20 -0.88
CA LYS B 336 7.71 15.82 0.40
C LYS B 336 6.42 16.06 1.23
N SER B 337 6.45 15.79 2.52
CA SER B 337 5.34 16.17 3.43
C SER B 337 5.54 17.59 3.91
N PRO B 338 4.58 18.50 3.61
CA PRO B 338 4.74 19.85 4.14
C PRO B 338 4.62 19.93 5.63
N VAL B 339 3.95 18.99 6.27
CA VAL B 339 3.88 18.96 7.72
C VAL B 339 4.88 17.98 8.30
N PRO B 340 5.78 18.48 9.13
CA PRO B 340 6.82 17.60 9.62
C PRO B 340 6.32 16.83 10.85
N MET B 341 5.71 15.66 10.59
CA MET B 341 5.00 14.96 11.67
C MET B 341 5.87 14.48 12.83
N VAL B 342 7.17 14.27 12.62
CA VAL B 342 8.02 13.94 13.77
C VAL B 342 8.22 15.17 14.70
N HIS B 343 8.65 16.27 14.11
CA HIS B 343 8.82 17.52 14.84
C HIS B 343 7.54 17.92 15.57
N LEU B 344 6.42 17.76 14.88
CA LEU B 344 5.15 18.15 15.42
C LEU B 344 4.81 17.24 16.57
N SER B 345 5.02 15.94 16.40
CA SER B 345 4.68 15.00 17.44
C SER B 345 5.40 15.27 18.79
N TRP B 346 6.70 15.59 18.75
CA TRP B 346 7.47 15.99 19.94
C TRP B 346 6.91 17.24 20.58
N ASN B 347 6.58 18.22 19.75
CA ASN B 347 5.97 19.46 20.28
C ASN B 347 4.61 19.24 20.92
N MET B 348 3.80 18.34 20.34
CA MET B 348 2.58 17.92 20.97
C MET B 348 2.83 17.34 22.36
N ALA B 349 3.84 16.49 22.46
CA ALA B 349 4.18 15.91 23.74
C ALA B 349 4.68 16.93 24.76
N ARG B 350 5.35 17.99 24.31
CA ARG B 350 5.77 19.08 25.20
C ARG B 350 4.66 20.00 25.68
N ASN B 351 3.66 20.24 24.84
CA ASN B 351 2.77 21.37 25.01
C ASN B 351 1.37 20.98 25.35
N ILE B 352 0.96 19.75 25.03
CA ILE B 352 -0.45 19.42 25.08
C ILE B 352 -0.72 18.33 26.04
N LYS B 353 -1.69 18.57 26.94
CA LYS B 353 -2.19 17.47 27.80
C LYS B 353 -3.33 16.73 27.12
N VAL B 354 -3.07 15.50 26.73
CA VAL B 354 -4.01 14.71 25.98
C VAL B 354 -4.90 13.89 26.90
N SER B 355 -6.22 14.00 26.70
CA SER B 355 -7.15 13.22 27.46
C SER B 355 -7.98 12.18 26.68
N ASP B 356 -7.86 12.09 25.37
CA ASP B 356 -8.47 10.98 24.68
C ASP B 356 -7.49 9.79 24.62
N PRO B 357 -7.90 8.62 25.16
CA PRO B 357 -6.91 7.53 25.17
C PRO B 357 -6.43 7.11 23.81
N LYS B 358 -7.30 7.17 22.80
CA LYS B 358 -6.93 6.69 21.47
C LYS B 358 -5.87 7.62 20.90
N LEU B 359 -6.11 8.91 21.00
CA LEU B 359 -5.14 9.89 20.49
C LEU B 359 -3.85 9.79 21.28
N PHE B 360 -3.95 9.69 22.59
CA PHE B 360 -2.77 9.55 23.41
C PHE B 360 -1.93 8.36 23.01
N GLU B 361 -2.59 7.21 22.84
CA GLU B 361 -1.86 5.99 22.50
C GLU B 361 -1.17 6.12 21.14
N MET B 362 -1.82 6.76 20.18
CA MET B 362 -1.21 6.99 18.87
C MET B 362 0.07 7.79 19.01
N ILE B 363 0.00 8.91 19.72
CA ILE B 363 1.16 9.77 19.85
C ILE B 363 2.30 9.06 20.56
N LYS B 364 1.96 8.43 21.67
CA LYS B 364 2.91 7.75 22.52
C LYS B 364 3.64 6.68 21.73
N TYR B 365 2.90 5.95 20.90
CA TYR B 365 3.43 4.89 20.05
C TYR B 365 4.44 5.47 19.07
N CYS B 366 4.07 6.56 18.41
CA CYS B 366 4.98 7.21 17.47
C CYS B 366 6.24 7.75 18.13
N LEU B 367 6.13 8.37 19.30
CA LEU B 367 7.31 8.93 19.96
C LEU B 367 8.28 7.88 20.39
N LEU B 368 7.78 6.81 20.96
CA LEU B 368 8.66 5.69 21.33
C LEU B 368 9.42 5.13 20.18
N LYS B 369 8.75 4.92 19.07
CA LYS B 369 9.34 4.38 17.87
C LYS B 369 10.45 5.33 17.35
N ILE B 370 10.13 6.61 17.26
CA ILE B 370 11.10 7.62 16.88
C ILE B 370 12.28 7.68 17.83
N LEU B 371 12.00 7.69 19.13
CA LEU B 371 13.07 7.76 20.13
C LEU B 371 14.00 6.55 20.05
N LYS B 372 13.43 5.34 19.97
CA LYS B 372 14.26 4.12 19.96
C LYS B 372 15.14 4.07 18.74
N GLN B 373 14.57 4.47 17.61
CA GLN B 373 15.26 4.37 16.34
CA GLN B 373 15.34 4.33 16.39
C GLN B 373 16.45 5.35 16.31
N TYR B 374 16.24 6.55 16.86
CA TYR B 374 17.32 7.51 17.06
C TYR B 374 18.39 7.00 18.04
N GLN B 375 17.98 6.36 19.11
CA GLN B 375 18.95 5.82 20.08
C GLN B 375 19.86 4.79 19.45
N THR B 376 19.25 3.89 18.70
CA THR B 376 19.99 2.85 17.98
C THR B 376 20.98 3.43 17.02
N LEU B 377 20.52 4.37 16.22
CA LEU B 377 21.38 4.97 15.22
C LEU B 377 22.54 5.70 15.89
N ARG B 378 22.20 6.49 16.88
CA ARG B 378 23.21 7.24 17.65
C ARG B 378 24.26 6.30 18.25
N GLU B 379 23.79 5.25 18.89
CA GLU B 379 24.73 4.22 19.43
C GLU B 379 25.61 3.58 18.35
N ALA B 380 25.04 3.32 17.18
CA ALA B 380 25.85 2.74 16.09
C ALA B 380 26.98 3.71 15.63
N LEU B 381 26.62 4.99 15.50
CA LEU B 381 27.60 5.99 15.13
C LEU B 381 28.72 6.05 16.17
N VAL B 382 28.36 6.20 17.44
CA VAL B 382 29.37 6.32 18.49
C VAL B 382 30.29 5.08 18.53
N ALA B 383 29.70 3.90 18.43
CA ALA B 383 30.47 2.65 18.43
C ALA B 383 31.38 2.46 17.22
N ALA B 384 31.05 3.12 16.12
CA ALA B 384 31.95 3.19 14.98
C ALA B 384 32.99 4.31 15.15
N GLY B 385 32.91 5.06 16.25
CA GLY B 385 33.85 6.09 16.59
C GLY B 385 33.60 7.45 15.89
N LYS B 386 32.37 7.65 15.42
CA LYS B 386 31.99 8.87 14.75
C LYS B 386 31.50 9.87 15.77
N GLU B 387 32.12 11.04 15.80
CA GLU B 387 31.79 12.06 16.79
C GLU B 387 30.36 12.63 16.55
N VAL B 388 29.57 12.81 17.60
CA VAL B 388 28.29 13.48 17.45
C VAL B 388 28.50 14.84 18.01
N ILE B 389 28.35 15.85 17.19
CA ILE B 389 28.68 17.19 17.60
C ILE B 389 27.43 17.89 18.11
N TRP B 390 27.50 18.47 19.30
CA TRP B 390 26.35 19.25 19.77
C TRP B 390 26.15 20.52 18.92
N HIS B 391 24.96 20.70 18.36
CA HIS B 391 24.68 21.81 17.51
C HIS B 391 23.53 22.65 18.05
N GLY B 392 22.58 22.05 18.77
CA GLY B 392 21.42 22.80 19.24
C GLY B 392 20.55 23.33 18.12
N ARG B 393 19.69 24.29 18.48
CA ARG B 393 18.84 24.99 17.52
C ARG B 393 18.23 26.21 18.21
N THR B 394 17.74 27.16 17.42
CA THR B 394 16.93 28.27 17.95
C THR B 394 15.52 27.70 18.17
N ASN B 395 14.70 28.36 18.99
CA ASN B 395 13.39 27.80 19.32
C ASN B 395 12.41 27.83 18.15
N ASP B 396 12.52 28.86 17.29
CA ASP B 396 11.63 28.92 16.11
CA ASP B 396 11.68 28.98 16.08
C ASP B 396 12.23 28.19 14.88
N GLU B 397 13.38 27.54 15.06
CA GLU B 397 14.04 26.92 13.93
C GLU B 397 13.14 25.90 13.30
N PRO B 398 12.95 25.94 11.95
CA PRO B 398 12.06 24.94 11.37
C PRO B 398 12.63 23.52 11.43
N ALA B 399 11.76 22.55 11.16
CA ALA B 399 12.13 21.17 11.02
C ALA B 399 12.98 21.04 9.79
N HIS B 400 13.92 20.11 9.80
CA HIS B 400 14.81 19.91 8.64
C HIS B 400 14.38 18.73 7.78
N TYR B 401 14.59 18.85 6.48
CA TYR B 401 14.35 17.73 5.59
C TYR B 401 15.65 17.42 4.82
N CYS B 402 15.80 16.18 4.42
CA CYS B 402 16.97 15.82 3.62
C CYS B 402 16.99 16.54 2.27
N SER B 403 18.14 17.14 1.97
CA SER B 403 18.34 17.89 0.75
C SER B 403 18.31 17.01 -0.50
N ILE B 404 18.49 15.70 -0.34
CA ILE B 404 18.43 14.77 -1.46
C ILE B 404 17.05 14.16 -1.58
N CYS B 405 16.59 13.43 -0.57
CA CYS B 405 15.37 12.65 -0.73
C CYS B 405 14.12 13.34 -0.18
N GLU B 406 14.31 14.43 0.55
CA GLU B 406 13.21 15.25 1.11
C GLU B 406 12.44 14.62 2.27
N VAL B 407 12.93 13.52 2.82
CA VAL B 407 12.39 12.98 4.07
C VAL B 407 12.71 13.92 5.22
N GLU B 408 11.79 14.00 6.15
CA GLU B 408 12.08 14.72 7.37
C GLU B 408 13.25 14.02 8.16
N VAL B 409 14.14 14.86 8.65
CA VAL B 409 15.25 14.45 9.48
C VAL B 409 15.00 14.98 10.93
N PHE B 410 14.99 14.09 11.89
CA PHE B 410 14.53 14.36 13.30
C PHE B 410 15.51 15.17 14.11
N ASN B 411 16.67 14.58 14.38
CA ASN B 411 17.59 15.26 15.44
C ASN B 411 19.01 15.34 14.93
N LEU B 412 19.49 14.17 14.57
CA LEU B 412 20.85 14.00 13.99
C LEU B 412 20.88 14.44 12.52
N LEU B 413 21.68 15.45 12.22
CA LEU B 413 21.72 16.04 10.89
C LEU B 413 23.06 15.66 10.29
N PHE B 414 23.07 15.14 9.08
CA PHE B 414 24.33 14.74 8.46
C PHE B 414 24.71 15.83 7.46
N VAL B 415 25.83 16.52 7.72
CA VAL B 415 26.23 17.68 6.99
C VAL B 415 27.65 17.44 6.50
N THR B 416 27.95 17.83 5.27
CA THR B 416 29.29 17.58 4.73
C THR B 416 30.33 18.36 5.57
N ASN B 417 31.57 17.88 5.56
CA ASN B 417 32.61 18.60 6.25
C ASN B 417 32.68 20.02 5.76
N GLU B 418 32.49 20.22 4.45
CA GLU B 418 32.62 21.54 3.85
C GLU B 418 31.46 22.44 4.23
N SER B 419 30.26 21.91 4.18
CA SER B 419 29.07 22.68 4.54
C SER B 419 29.11 23.07 6.00
N ASN B 420 29.69 22.20 6.84
CA ASN B 420 29.78 22.48 8.21
C ASN B 420 30.75 23.65 8.40
N THR B 421 31.87 23.60 7.70
CA THR B 421 32.89 24.64 7.83
C THR B 421 32.36 25.97 7.35
N GLN B 422 31.59 25.92 6.32
CA GLN B 422 31.01 27.12 5.77
C GLN B 422 29.76 27.58 6.52
N LYS B 423 29.29 26.78 7.46
CA LYS B 423 28.09 27.09 8.23
C LYS B 423 26.86 27.25 7.35
N THR B 424 26.83 26.54 6.23
CA THR B 424 25.61 26.39 5.46
C THR B 424 24.75 25.27 6.04
N TYR B 425 25.35 24.34 6.76
CA TYR B 425 24.62 23.22 7.36
C TYR B 425 23.51 22.62 6.48
N ILE B 426 23.88 22.23 5.27
CA ILE B 426 23.01 21.57 4.33
C ILE B 426 22.73 20.14 4.78
N VAL B 427 21.47 19.89 5.08
CA VAL B 427 21.10 18.63 5.74
C VAL B 427 20.88 17.44 4.79
N HIS B 428 21.45 16.32 5.20
CA HIS B 428 21.16 14.99 4.62
C HIS B 428 20.59 14.07 5.68
N CYS B 429 19.78 13.09 5.29
CA CYS B 429 19.47 11.97 6.18
C CYS B 429 20.65 11.00 6.24
N HIS B 430 20.63 10.09 7.18
CA HIS B 430 21.71 9.09 7.31
C HIS B 430 21.86 8.28 6.04
N ASP B 431 20.75 7.79 5.50
CA ASP B 431 20.81 6.91 4.33
C ASP B 431 21.44 7.58 3.12
N CYS B 432 21.06 8.81 2.87
CA CYS B 432 21.58 9.53 1.71
C CYS B 432 23.06 9.84 1.92
N ALA B 433 23.43 10.15 3.17
CA ALA B 433 24.83 10.46 3.48
C ALA B 433 25.67 9.25 3.22
N ARG B 434 25.22 8.10 3.67
CA ARG B 434 25.94 6.83 3.53
CA ARG B 434 25.96 6.83 3.49
C ARG B 434 26.07 6.41 2.05
N LYS B 435 25.02 6.68 1.27
CA LYS B 435 25.09 6.37 -0.17
C LYS B 435 26.12 7.21 -0.87
N THR B 436 26.35 8.43 -0.43
CA THR B 436 27.39 9.22 -1.06
C THR B 436 28.79 8.99 -0.47
N SER B 437 28.88 8.65 0.79
CA SER B 437 30.14 8.55 1.50
C SER B 437 30.09 7.31 2.42
N LYS B 438 30.70 6.23 1.98
CA LYS B 438 30.42 4.89 2.56
C LYS B 438 30.66 4.75 4.05
N SER B 439 31.71 5.37 4.56
CA SER B 439 32.00 5.37 6.01
C SER B 439 31.72 6.72 6.63
N LEU B 440 30.90 7.55 5.97
CA LEU B 440 30.63 8.96 6.43
C LEU B 440 31.88 9.83 6.61
N GLU B 441 32.95 9.47 5.87
CA GLU B 441 34.18 10.22 5.95
C GLU B 441 34.01 11.66 5.52
N ASN B 442 33.03 11.91 4.65
CA ASN B 442 32.75 13.24 4.15
C ASN B 442 31.75 14.05 4.98
N PHE B 443 31.28 13.48 6.07
CA PHE B 443 30.21 14.10 6.85
C PHE B 443 30.60 14.32 8.30
N VAL B 444 29.96 15.32 8.91
CA VAL B 444 29.86 15.42 10.37
C VAL B 444 28.40 15.13 10.79
N VAL B 445 28.24 14.78 12.06
CA VAL B 445 26.93 14.46 12.62
C VAL B 445 26.64 15.51 13.64
N LEU B 446 25.59 16.27 13.39
CA LEU B 446 25.18 17.35 14.28
C LEU B 446 23.93 16.97 15.06
N GLU B 447 23.93 17.23 16.36
CA GLU B 447 22.79 16.88 17.23
C GLU B 447 22.05 18.16 17.66
N GLN B 448 20.74 18.20 17.45
CA GLN B 448 19.90 19.39 17.82
C GLN B 448 19.20 19.32 19.19
N TYR B 449 18.90 18.12 19.65
CA TYR B 449 18.24 17.87 20.91
C TYR B 449 19.04 16.83 21.74
N LYS B 450 19.19 17.09 23.03
CA LYS B 450 19.87 16.15 23.92
C LYS B 450 19.04 14.93 24.21
N MET B 451 19.68 13.77 24.22
CA MET B 451 18.95 12.58 24.45
C MET B 451 18.19 12.62 25.76
N GLU B 452 18.76 13.23 26.79
CA GLU B 452 18.09 13.25 28.08
C GLU B 452 16.84 14.14 28.06
N ASP B 453 16.89 15.22 27.30
CA ASP B 453 15.73 16.06 27.16
C ASP B 453 14.58 15.34 26.43
N LEU B 454 14.90 14.52 25.43
CA LEU B 454 13.87 13.79 24.70
C LEU B 454 13.28 12.66 25.56
N ILE B 455 14.13 11.98 26.29
CA ILE B 455 13.65 10.93 27.17
C ILE B 455 12.68 11.51 28.20
N GLU B 456 13.03 12.68 28.74
CA GLU B 456 12.20 13.35 29.74
C GLU B 456 10.83 13.73 29.14
N VAL B 457 10.84 14.35 27.98
CA VAL B 457 9.59 14.68 27.26
C VAL B 457 8.72 13.43 27.08
N TYR B 458 9.33 12.33 26.62
CA TYR B 458 8.61 11.07 26.50
C TYR B 458 8.03 10.57 27.83
N ASP B 459 8.86 10.49 28.85
CA ASP B 459 8.44 10.01 30.15
C ASP B 459 7.31 10.86 30.75
N GLN B 460 7.37 12.18 30.53
CA GLN B 460 6.39 13.09 31.06
C GLN B 460 5.09 13.11 30.32
N PHE B 461 5.06 12.51 29.14
CA PHE B 461 3.86 12.51 28.30
C PHE B 461 2.89 11.44 28.79
N THR B 462 1.86 11.85 29.53
CA THR B 462 0.97 10.92 30.19
C THR B 462 -0.47 11.31 29.87
N LEU B 463 -1.33 10.30 29.94
CA LEU B 463 -2.78 10.43 29.66
C LEU B 463 -3.46 11.12 30.81
N ALA B 464 -4.10 12.23 30.50
CA ALA B 464 -4.81 12.98 31.50
C ALA B 464 -6.21 12.44 31.58
N LEU B 465 -6.80 12.55 32.76
CA LEU B 465 -8.25 12.25 32.85
C LEU B 465 -9.05 13.51 32.55
N SER B 466 -9.90 13.50 31.56
CA SER B 466 -10.89 14.53 31.45
C SER B 466 -12.25 13.75 31.41
N LEU B 467 -13.20 14.27 32.13
CA LEU B 467 -14.55 13.77 32.00
C LEU B 467 -15.24 14.38 30.79
N SER B 468 -14.64 15.43 30.17
CA SER B 468 -15.19 16.10 28.94
C SER B 468 -15.03 15.27 27.72
N SER B 469 -15.80 15.57 26.68
FE FE2 C . -3.10 -24.36 -2.01
OAT MMK D . -8.70 -24.73 -6.50
CAS MMK D . -7.84 -25.61 -6.20
OAU MMK D . -8.01 -26.80 -6.68
CAO MMK D . -6.79 -25.36 -5.30
CAN MMK D . -5.43 -25.65 -5.54
CAP MMK D . -7.06 -24.81 -4.07
CAQ MMK D . -6.05 -24.63 -3.10
NAR MMK D . -4.82 -24.96 -3.38
CAM MMK D . -4.45 -25.48 -4.59
CAL MMK D . -3.04 -25.78 -4.83
N MMK D . -2.15 -24.79 -4.06
CA MMK D . -0.79 -25.38 -3.81
C MMK D . 0.05 -25.53 -5.12
O MMK D . -0.38 -25.00 -6.15
NAC MMK D . 1.29 -26.27 -5.08
CAB MMK D . 1.89 -26.82 -3.85
CAA MMK D . 1.37 -28.23 -3.41
CAD MMK D . 2.10 -26.48 -6.35
CAE MMK D . 2.43 -27.31 -6.77
NAF MMK D . 2.19 -27.30 -8.21
CAH MMK D . 2.45 -28.63 -8.76
CAG MMK D . 3.07 -26.32 -8.85
ZN ZN E . 24.36 -30.39 -3.58
C1 EDO F . 0.98 -12.96 6.89
O1 EDO F . 1.44 -12.21 8.04
C2 EDO F . 1.08 -14.45 7.14
O2 EDO F . 0.25 -15.03 8.15
C1 EDO G . 37.22 -22.88 7.18
O1 EDO G . 37.44 -21.42 7.30
C2 EDO G . 36.51 -23.75 8.26
O2 EDO G . 36.83 -23.47 9.62
C1 EDO H . -17.41 -24.81 -16.79
O1 EDO H . -18.81 -24.42 -16.90
C2 EDO H . -16.62 -23.51 -16.48
O2 EDO H . -16.80 -22.42 -17.49
C1 EDO I . -20.01 -27.97 -17.66
O1 EDO I . -19.33 -27.14 -18.59
C2 EDO I . -20.46 -27.20 -16.42
O2 EDO I . -21.44 -26.21 -16.56
C1 EDO J . -18.51 -22.58 9.64
O1 EDO J . -17.95 -23.88 9.43
C2 EDO J . -19.66 -22.49 10.65
O2 EDO J . -19.27 -22.78 12.00
C1 EDO K . -18.72 -17.81 -16.48
O1 EDO K . -17.39 -17.28 -16.49
C2 EDO K . -18.75 -19.08 -15.61
O2 EDO K . -18.13 -20.16 -16.34
C1 EDO L . -36.83 -38.75 -12.03
O1 EDO L . -37.19 -37.39 -12.48
C2 EDO L . -37.35 -39.91 -12.91
O2 EDO L . -37.06 -41.21 -12.27
C1 EDO M . 25.73 -19.17 -13.98
O1 EDO M . 26.85 -18.74 -14.70
C2 EDO M . 24.88 -20.07 -14.88
O2 EDO M . 24.96 -21.33 -14.24
FE FE2 N . -8.35 22.18 -0.82
OAT MMK O . -11.08 28.27 -3.60
CAS MMK O . -10.30 27.39 -4.09
OAU MMK O . -9.88 27.56 -5.27
CAO MMK O . -9.88 26.25 -3.42
CAN MMK O . -8.53 25.84 -3.32
CAP MMK O . -10.80 25.44 -2.82
CAQ MMK O . -10.40 24.27 -2.17
NAR MMK O . -9.11 23.90 -2.09
CAM MMK O . -8.14 24.68 -2.64
CAL MMK O . -6.74 24.27 -2.53
N MMK O . -6.51 23.46 -1.26
CA MMK O . -5.24 22.62 -1.39
C MMK O . -3.93 23.48 -1.42
O MMK O . -3.98 24.72 -1.18
NAC MMK O . -2.74 22.83 -1.71
CAB MMK O . -2.60 21.33 -1.83
CAA MMK O . -2.90 20.77 -3.26
CAD MMK O . -1.44 23.62 -1.69
CAE MMK O . -1.43 24.33 -2.79
NAF MMK O . -0.07 24.91 -2.81
CAH MMK O . 0.96 23.88 -3.00
CAG MMK O . 0.13 25.66 -1.55
ZN ZN P . 17.77 11.44 2.31
C1 EDO Q . -12.12 3.68 -10.62
O1 EDO Q . -13.36 3.28 -11.24
C2 EDO Q . -11.55 2.51 -9.82
O2 EDO Q . -10.86 1.64 -10.70
C1 EDO R . -16.43 42.18 -9.64
O1 EDO R . -17.31 41.37 -10.42
C2 EDO R . -15.51 42.94 -10.59
O2 EDO R . -14.83 41.93 -11.32
C1 EDO S . -26.00 34.08 2.48
O1 EDO S . -26.05 34.45 1.10
C2 EDO S . -25.26 32.75 2.71
O2 EDO S . -25.95 31.53 2.78
C1 EDO T . 4.24 37.34 -2.94
O1 EDO T . 4.30 36.50 -1.90
C2 EDO T . 5.08 38.55 -2.58
O2 EDO T . 4.76 39.30 -3.71
C1 EDO U . 2.49 33.44 -3.84
O1 EDO U . 2.03 32.76 -4.98
C2 EDO U . 2.17 34.89 -4.22
O2 EDO U . 1.81 35.76 -3.18
C1 EDO V . -13.34 13.35 7.62
O1 EDO V . -14.61 12.94 7.11
C2 EDO V . -12.28 12.25 7.77
O2 EDO V . -12.00 12.02 9.13
C1 EDO W . -5.35 25.99 2.05
O1 EDO W . -6.11 24.76 2.13
C2 EDO W . -5.68 26.70 0.74
O2 EDO W . -6.92 26.23 0.15
C1 EDO X . 7.32 22.18 6.64
O1 EDO X . 7.05 22.44 5.30
C2 EDO X . 8.46 23.05 7.10
O2 EDO X . 8.86 22.39 8.29
C1 EDO Y . -7.53 10.19 -18.80
O1 EDO Y . -7.39 11.50 -18.31
C2 EDO Y . -8.64 9.46 -18.18
O2 EDO Y . -9.88 10.13 -18.16
C1 EDO Z . 10.61 23.04 21.57
O1 EDO Z . 11.45 21.99 21.06
C2 EDO Z . 11.36 24.38 21.62
O2 EDO Z . 11.57 24.85 20.28
C1 EDO AA . 22.85 -1.01 16.62
O1 EDO AA . 22.62 -0.94 15.21
C2 EDO AA . 23.36 0.37 16.88
O2 EDO AA . 23.09 0.79 18.16
C1 EDO BA . -12.40 14.38 11.44
O1 EDO BA . -11.59 14.75 10.34
C2 EDO BA . -11.56 14.25 12.68
O2 EDO BA . -11.26 15.54 13.14
#